data_1ZF1
# 
_entry.id   1ZF1 
# 
_audit_conform.dict_name       mmcif_pdbx.dic 
_audit_conform.dict_version    5.389 
_audit_conform.dict_location   http://mmcif.pdb.org/dictionaries/ascii/mmcif_pdbx.dic 
# 
loop_
_database_2.database_id 
_database_2.database_code 
_database_2.pdbx_database_accession 
_database_2.pdbx_DOI 
PDB   1ZF1         pdb_00001zf1 10.2210/pdb1zf1/pdb 
NDB   AD0048       ?            ?                   
RCSB  RCSB032644   ?            ?                   
WWPDB D_1000032644 ?            ?                   
# 
loop_
_pdbx_audit_revision_history.ordinal 
_pdbx_audit_revision_history.data_content_type 
_pdbx_audit_revision_history.major_revision 
_pdbx_audit_revision_history.minor_revision 
_pdbx_audit_revision_history.revision_date 
1 'Structure model' 1 0 2005-05-10 
2 'Structure model' 1 1 2008-04-30 
3 'Structure model' 1 2 2011-07-13 
4 'Structure model' 1 3 2017-10-11 
5 'Structure model' 1 4 2024-02-14 
6 'Structure model' 1 5 2024-04-03 
# 
_pdbx_audit_revision_details.ordinal             1 
_pdbx_audit_revision_details.revision_ordinal    1 
_pdbx_audit_revision_details.data_content_type   'Structure model' 
_pdbx_audit_revision_details.provider            repository 
_pdbx_audit_revision_details.type                'Initial release' 
_pdbx_audit_revision_details.description         ? 
_pdbx_audit_revision_details.details             ? 
# 
loop_
_pdbx_audit_revision_group.ordinal 
_pdbx_audit_revision_group.revision_ordinal 
_pdbx_audit_revision_group.data_content_type 
_pdbx_audit_revision_group.group 
1 2 'Structure model' 'Version format compliance' 
2 3 'Structure model' 'Version format compliance' 
3 4 'Structure model' 'Refinement description'    
4 5 'Structure model' 'Data collection'           
5 5 'Structure model' 'Database references'       
6 6 'Structure model' 'Refinement description'    
# 
loop_
_pdbx_audit_revision_category.ordinal 
_pdbx_audit_revision_category.revision_ordinal 
_pdbx_audit_revision_category.data_content_type 
_pdbx_audit_revision_category.category 
1 4 'Structure model' software                      
2 5 'Structure model' chem_comp_atom                
3 5 'Structure model' chem_comp_bond                
4 5 'Structure model' database_2                    
5 6 'Structure model' pdbx_initial_refinement_model 
# 
loop_
_pdbx_audit_revision_item.ordinal 
_pdbx_audit_revision_item.revision_ordinal 
_pdbx_audit_revision_item.data_content_type 
_pdbx_audit_revision_item.item 
1  4 'Structure model' '_software.classification'            
2  4 'Structure model' '_software.contact_author'            
3  4 'Structure model' '_software.contact_author_email'      
4  4 'Structure model' '_software.language'                  
5  4 'Structure model' '_software.location'                  
6  4 'Structure model' '_software.name'                      
7  4 'Structure model' '_software.type'                      
8  4 'Structure model' '_software.version'                   
9  5 'Structure model' '_database_2.pdbx_DOI'                
10 5 'Structure model' '_database_2.pdbx_database_accession' 
# 
_pdbx_database_status.entry_id                        1ZF1 
_pdbx_database_status.deposit_site                    RCSB 
_pdbx_database_status.process_site                    RCSB 
_pdbx_database_status.recvd_initial_deposition_date   2005-04-19 
_pdbx_database_status.status_code                     REL 
_pdbx_database_status.status_code_sf                  REL 
_pdbx_database_status.status_code_mr                  ? 
_pdbx_database_status.SG_entry                        ? 
_pdbx_database_status.pdb_format_compatible           Y 
_pdbx_database_status.status_code_cs                  ? 
_pdbx_database_status.methods_development_category    ? 
_pdbx_database_status.status_code_nmr_data            ? 
# 
loop_
_pdbx_database_related.db_name 
_pdbx_database_related.db_id 
_pdbx_database_related.details 
_pdbx_database_related.content_type 
PDB 1P4Y . unspecified 
PDB 1P4Z . unspecified 
PDB 1DCW . unspecified 
PDB 1DCV . unspecified 
PDB 1ZEW . unspecified 
PDB 1ZEX . unspecified 
PDB 1ZEY . unspecified 
PDB 1ZEZ . unspecified 
PDB 1ZF0 . unspecified 
PDB 1ZF2 . unspecified 
PDB 1ZF3 . unspecified 
PDB 1ZF4 . unspecified 
PDB 1ZF5 . unspecified 
PDB 1ZF6 . unspecified 
PDB 1ZF7 . unspecified 
PDB 1ZF8 . unspecified 
PDB 1ZF9 . unspecified 
PDB 1ZFA . unspecified 
PDB 1ZFB . unspecified 
PDB 1ZFC . unspecified 
PDB 1ZFE . unspecified 
PDB 1ZFF . unspecified 
PDB 1ZFG . unspecified 
PDB 1ZFH . unspecified 
PDB 1ZFM . unspecified 
# 
loop_
_audit_author.name 
_audit_author.pdbx_ordinal 
'Hays, F.A.'      1 
'Teegarden, A.T.' 2 
'Jones, Z.J.R.'   3 
'Harms, M.'       4 
'Raup, D.'        5 
'Watson, J.'      6 
'Cavaliere, E.'   7 
'Ho, P.S.'        8 
# 
_citation.id                        primary 
_citation.title                     'How sequence defines structure: a crystallographic map of DNA structure and conformation.' 
_citation.journal_abbrev            Proc.Natl.Acad.Sci.Usa 
_citation.journal_volume            102 
_citation.page_first                7157 
_citation.page_last                 7162 
_citation.year                      2005 
_citation.journal_id_ASTM           PNASA6 
_citation.country                   US 
_citation.journal_id_ISSN           0027-8424 
_citation.journal_id_CSD            0040 
_citation.book_publisher            ? 
_citation.pdbx_database_id_PubMed   15870206 
_citation.pdbx_database_id_DOI      10.1073/pnas.0409455102 
# 
loop_
_citation_author.citation_id 
_citation_author.name 
_citation_author.ordinal 
_citation_author.identifier_ORCID 
primary 'Hays, F.A.'    1 ? 
primary 'Teegarden, A.' 2 ? 
primary 'Jones, Z.J.'   3 ? 
primary 'Harms, M.'     4 ? 
primary 'Raup, D.'      5 ? 
primary 'Watson, J.'    6 ? 
primary 'Cavaliere, E.' 7 ? 
primary 'Ho, P.S.'      8 ? 
# 
loop_
_entity.id 
_entity.type 
_entity.src_method 
_entity.pdbx_description 
_entity.formula_weight 
_entity.pdbx_number_of_molecules 
_entity.pdbx_ec 
_entity.pdbx_mutation 
_entity.pdbx_fragment 
_entity.details 
1 polymer syn "5'-D(*CP*CP*GP*GP*GP*CP*CP*CP*GP*G)-3'" 3046.980 2   ? ? ? ? 
2 water   nat water                                    18.015   130 ? ? ? ? 
# 
_entity_poly.entity_id                      1 
_entity_poly.type                           polydeoxyribonucleotide 
_entity_poly.nstd_linkage                   no 
_entity_poly.nstd_monomer                   no 
_entity_poly.pdbx_seq_one_letter_code       '(DC)(DC)(DG)(DG)(DG)(DC)(DC)(DC)(DG)(DG)' 
_entity_poly.pdbx_seq_one_letter_code_can   CCGGGCCCGG 
_entity_poly.pdbx_strand_id                 A,B 
_entity_poly.pdbx_target_identifier         ? 
# 
_pdbx_entity_nonpoly.entity_id   2 
_pdbx_entity_nonpoly.name        water 
_pdbx_entity_nonpoly.comp_id     HOH 
# 
loop_
_entity_poly_seq.entity_id 
_entity_poly_seq.num 
_entity_poly_seq.mon_id 
_entity_poly_seq.hetero 
1 1  DC n 
1 2  DC n 
1 3  DG n 
1 4  DG n 
1 5  DG n 
1 6  DC n 
1 7  DC n 
1 8  DC n 
1 9  DG n 
1 10 DG n 
# 
_pdbx_entity_src_syn.entity_id              1 
_pdbx_entity_src_syn.pdbx_src_id            1 
_pdbx_entity_src_syn.pdbx_alt_source_flag   sample 
_pdbx_entity_src_syn.pdbx_beg_seq_num       ? 
_pdbx_entity_src_syn.pdbx_end_seq_num       ? 
_pdbx_entity_src_syn.organism_scientific    ? 
_pdbx_entity_src_syn.organism_common_name   ? 
_pdbx_entity_src_syn.ncbi_taxonomy_id       ? 
_pdbx_entity_src_syn.details                
;DNA WAS SYNTHESIZED ON AN APPLIED BIOSYSTEMS DNA SYNTHESIZER USING PHOSPHORAMIDITE CHEMISTRY, WITH THE TRITYL-PROTECTING GROUP LEFT INTACT AT THE 5'- TERMINAL NUCLEOTIDE THEN DEPROTECTED BY TREATMENT WITH 3% ACETIC ACID FOR FIFTEEN MINUTES, NEUTRALIZED WITH AMMONIUM HYDROXIDE, AND DESALTED ON A SIGMA G-25 SEPHADEX COLUMN.
;
# 
loop_
_chem_comp.id 
_chem_comp.type 
_chem_comp.mon_nstd_flag 
_chem_comp.name 
_chem_comp.pdbx_synonyms 
_chem_comp.formula 
_chem_comp.formula_weight 
DC  'DNA linking' y "2'-DEOXYCYTIDINE-5'-MONOPHOSPHATE"  ? 'C9 H14 N3 O7 P'  307.197 
DG  'DNA linking' y "2'-DEOXYGUANOSINE-5'-MONOPHOSPHATE" ? 'C10 H14 N5 O7 P' 347.221 
HOH non-polymer   . WATER                                ? 'H2 O'            18.015  
# 
loop_
_pdbx_poly_seq_scheme.asym_id 
_pdbx_poly_seq_scheme.entity_id 
_pdbx_poly_seq_scheme.seq_id 
_pdbx_poly_seq_scheme.mon_id 
_pdbx_poly_seq_scheme.ndb_seq_num 
_pdbx_poly_seq_scheme.pdb_seq_num 
_pdbx_poly_seq_scheme.auth_seq_num 
_pdbx_poly_seq_scheme.pdb_mon_id 
_pdbx_poly_seq_scheme.auth_mon_id 
_pdbx_poly_seq_scheme.pdb_strand_id 
_pdbx_poly_seq_scheme.pdb_ins_code 
_pdbx_poly_seq_scheme.hetero 
A 1 1  DC 1  1  1  DC C A . n 
A 1 2  DC 2  2  2  DC C A . n 
A 1 3  DG 3  3  3  DG G A . n 
A 1 4  DG 4  4  4  DG G A . n 
A 1 5  DG 5  5  5  DG G A . n 
A 1 6  DC 6  6  6  DC C A . n 
A 1 7  DC 7  7  7  DC C A . n 
A 1 8  DC 8  8  8  DC C A . n 
A 1 9  DG 9  9  9  DG G A . n 
A 1 10 DG 10 10 10 DG G A . n 
B 1 1  DC 1  11 11 DC C B . n 
B 1 2  DC 2  12 12 DC C B . n 
B 1 3  DG 3  13 13 DG G B . n 
B 1 4  DG 4  14 14 DG G B . n 
B 1 5  DG 5  15 15 DG G B . n 
B 1 6  DC 6  16 16 DC C B . n 
B 1 7  DC 7  17 17 DC C B . n 
B 1 8  DC 8  18 18 DC C B . n 
B 1 9  DG 9  19 19 DG G B . n 
B 1 10 DG 10 20 20 DG G B . n 
# 
loop_
_pdbx_nonpoly_scheme.asym_id 
_pdbx_nonpoly_scheme.entity_id 
_pdbx_nonpoly_scheme.mon_id 
_pdbx_nonpoly_scheme.ndb_seq_num 
_pdbx_nonpoly_scheme.pdb_seq_num 
_pdbx_nonpoly_scheme.auth_seq_num 
_pdbx_nonpoly_scheme.pdb_mon_id 
_pdbx_nonpoly_scheme.auth_mon_id 
_pdbx_nonpoly_scheme.pdb_strand_id 
_pdbx_nonpoly_scheme.pdb_ins_code 
C 2 HOH 1  32  32  HOH WAT A . 
C 2 HOH 2  35  35  HOH WAT A . 
C 2 HOH 3  36  36  HOH WAT A . 
C 2 HOH 4  38  38  HOH WAT A . 
C 2 HOH 5  41  41  HOH WAT A . 
C 2 HOH 6  44  44  HOH WAT A . 
C 2 HOH 7  46  46  HOH WAT A . 
C 2 HOH 8  47  47  HOH WAT A . 
C 2 HOH 9  49  49  HOH WAT A . 
C 2 HOH 10 51  51  HOH WAT A . 
C 2 HOH 11 52  52  HOH WAT A . 
C 2 HOH 12 53  53  HOH WAT A . 
C 2 HOH 13 60  60  HOH WAT A . 
C 2 HOH 14 61  61  HOH WAT A . 
C 2 HOH 15 62  62  HOH WAT A . 
C 2 HOH 16 66  66  HOH WAT A . 
C 2 HOH 17 67  67  HOH WAT A . 
C 2 HOH 18 70  70  HOH WAT A . 
C 2 HOH 19 73  73  HOH WAT A . 
C 2 HOH 20 75  75  HOH WAT A . 
C 2 HOH 21 78  78  HOH WAT A . 
C 2 HOH 22 82  82  HOH WAT A . 
C 2 HOH 23 83  83  HOH WAT A . 
C 2 HOH 24 84  84  HOH WAT A . 
C 2 HOH 25 85  85  HOH WAT A . 
C 2 HOH 26 86  86  HOH WAT A . 
C 2 HOH 27 87  87  HOH WAT A . 
C 2 HOH 28 89  89  HOH WAT A . 
C 2 HOH 29 90  90  HOH WAT A . 
C 2 HOH 30 92  92  HOH WAT A . 
C 2 HOH 31 94  94  HOH WAT A . 
C 2 HOH 32 95  95  HOH WAT A . 
C 2 HOH 33 98  98  HOH WAT A . 
C 2 HOH 34 102 102 HOH WAT A . 
C 2 HOH 35 105 105 HOH WAT A . 
C 2 HOH 36 106 106 HOH WAT A . 
C 2 HOH 37 108 108 HOH WAT A . 
C 2 HOH 38 110 110 HOH WAT A . 
C 2 HOH 39 111 111 HOH WAT A . 
C 2 HOH 40 112 112 HOH WAT A . 
C 2 HOH 41 119 119 HOH WAT A . 
C 2 HOH 42 120 120 HOH WAT A . 
C 2 HOH 43 122 122 HOH WAT A . 
C 2 HOH 44 126 126 HOH WAT A . 
C 2 HOH 45 127 127 HOH WAT A . 
C 2 HOH 46 128 128 HOH WAT A . 
C 2 HOH 47 129 129 HOH WAT A . 
C 2 HOH 48 131 131 HOH WAT A . 
C 2 HOH 49 132 132 HOH WAT A . 
C 2 HOH 50 134 134 HOH WAT A . 
C 2 HOH 51 139 139 HOH WAT A . 
C 2 HOH 52 141 141 HOH WAT A . 
C 2 HOH 53 142 142 HOH WAT A . 
C 2 HOH 54 145 145 HOH WAT A . 
C 2 HOH 55 146 146 HOH WAT A . 
C 2 HOH 56 148 148 HOH WAT A . 
C 2 HOH 57 149 149 HOH WAT A . 
C 2 HOH 58 153 153 HOH WAT A . 
C 2 HOH 59 156 156 HOH WAT A . 
C 2 HOH 60 159 159 HOH WAT A . 
C 2 HOH 61 160 160 HOH WAT A . 
C 2 HOH 62 161 161 HOH WAT A . 
D 2 HOH 1  30  30  HOH WAT B . 
D 2 HOH 2  31  31  HOH WAT B . 
D 2 HOH 3  33  33  HOH WAT B . 
D 2 HOH 4  34  34  HOH WAT B . 
D 2 HOH 5  37  37  HOH WAT B . 
D 2 HOH 6  39  39  HOH WAT B . 
D 2 HOH 7  40  40  HOH WAT B . 
D 2 HOH 8  42  42  HOH WAT B . 
D 2 HOH 9  45  45  HOH WAT B . 
D 2 HOH 10 48  48  HOH WAT B . 
D 2 HOH 11 50  50  HOH WAT B . 
D 2 HOH 12 55  55  HOH WAT B . 
D 2 HOH 13 56  56  HOH WAT B . 
D 2 HOH 14 57  57  HOH WAT B . 
D 2 HOH 15 58  58  HOH WAT B . 
D 2 HOH 16 59  59  HOH WAT B . 
D 2 HOH 17 63  63  HOH WAT B . 
D 2 HOH 18 64  64  HOH WAT B . 
D 2 HOH 19 68  68  HOH WAT B . 
D 2 HOH 20 69  69  HOH WAT B . 
D 2 HOH 21 71  71  HOH WAT B . 
D 2 HOH 22 72  72  HOH WAT B . 
D 2 HOH 23 74  74  HOH WAT B . 
D 2 HOH 24 76  76  HOH WAT B . 
D 2 HOH 25 77  77  HOH WAT B . 
D 2 HOH 26 79  79  HOH WAT B . 
D 2 HOH 27 80  80  HOH WAT B . 
D 2 HOH 28 81  81  HOH WAT B . 
D 2 HOH 29 88  88  HOH WAT B . 
D 2 HOH 30 91  91  HOH WAT B . 
D 2 HOH 31 93  93  HOH WAT B . 
D 2 HOH 32 96  96  HOH WAT B . 
D 2 HOH 33 97  97  HOH WAT B . 
D 2 HOH 34 99  99  HOH WAT B . 
D 2 HOH 35 100 100 HOH WAT B . 
D 2 HOH 36 101 101 HOH WAT B . 
D 2 HOH 37 103 103 HOH WAT B . 
D 2 HOH 38 104 104 HOH WAT B . 
D 2 HOH 39 107 107 HOH WAT B . 
D 2 HOH 40 109 109 HOH WAT B . 
D 2 HOH 41 113 113 HOH WAT B . 
D 2 HOH 42 114 114 HOH WAT B . 
D 2 HOH 43 115 115 HOH WAT B . 
D 2 HOH 44 116 116 HOH WAT B . 
D 2 HOH 45 117 117 HOH WAT B . 
D 2 HOH 46 118 118 HOH WAT B . 
D 2 HOH 47 121 121 HOH WAT B . 
D 2 HOH 48 123 123 HOH WAT B . 
D 2 HOH 49 124 124 HOH WAT B . 
D 2 HOH 50 125 125 HOH WAT B . 
D 2 HOH 51 130 130 HOH WAT B . 
D 2 HOH 52 133 133 HOH WAT B . 
D 2 HOH 53 135 135 HOH WAT B . 
D 2 HOH 54 136 136 HOH WAT B . 
D 2 HOH 55 137 137 HOH WAT B . 
D 2 HOH 56 138 138 HOH WAT B . 
D 2 HOH 57 140 140 HOH WAT B . 
D 2 HOH 58 143 143 HOH WAT B . 
D 2 HOH 59 144 144 HOH WAT B . 
D 2 HOH 60 147 147 HOH WAT B . 
D 2 HOH 61 150 150 HOH WAT B . 
D 2 HOH 62 151 151 HOH WAT B . 
D 2 HOH 63 152 152 HOH WAT B . 
D 2 HOH 64 154 154 HOH WAT B . 
D 2 HOH 65 155 155 HOH WAT B . 
D 2 HOH 66 157 157 HOH WAT B . 
D 2 HOH 67 158 158 HOH WAT B . 
D 2 HOH 68 162 162 HOH WAT B . 
# 
loop_
_software.name 
_software.version 
_software.date 
_software.type 
_software.contact_author 
_software.contact_author_email 
_software.classification 
_software.location 
_software.language 
_software.citation_id 
_software.pdbx_ordinal 
DENZO     .   ? package 'Zbyszek Otwinowski' zbyszek@mix.swmed.edu 'data reduction' 
http://www.lnls.br/infra/linhasluz/denzo-hkl.htm ?          ? 1 
SCALEPACK .   ? package 'Zbyszek Otwinowski' zbyszek@mix.swmed.edu 'data scaling'   
http://www.lnls.br/infra/linhasluz/denzo-hkl.htm ?          ? 2 
CNS       1.1 ? package 'Axel T. Brunger'    axel.brunger@yale.edu refinement       http://cns.csb.yale.edu/v1.1/ Fortran_77 ? 3 
HKL-2000  .   ? ?       ?                    ?                     'data reduction' ? ?          ? 4 
EPMR      .   ? ?       ?                    ?                     phasing          ? ?          ? 5 
# 
_cell.length_a           24.80 
_cell.length_b           44.37 
_cell.length_c           46.25 
_cell.angle_alpha        90.0 
_cell.angle_beta         90.0 
_cell.angle_gamma        90.0 
_cell.entry_id           1ZF1 
_cell.pdbx_unique_axis   ? 
_cell.Z_PDB              8 
# 
_symmetry.space_group_name_H-M             'P 21 21 21' 
_symmetry.Int_Tables_number                19 
_symmetry.entry_id                         1ZF1 
_symmetry.pdbx_full_space_group_name_H-M   ? 
_symmetry.cell_setting                     ? 
_symmetry.space_group_name_Hall            ? 
# 
_exptl.entry_id          1ZF1 
_exptl.method            'X-RAY DIFFRACTION' 
_exptl.crystals_number   1 
# 
_exptl_crystal.id                    1 
_exptl_crystal.density_meas          ? 
_exptl_crystal.density_Matthews      2.09 
_exptl_crystal.density_percent_sol   41.09 
_exptl_crystal.description           ? 
_exptl_crystal.F_000                 ? 
_exptl_crystal.preparation           ? 
# 
_exptl_crystal_grow.crystal_id      1 
_exptl_crystal_grow.method          ? 
_exptl_crystal_grow.temp            298 
_exptl_crystal_grow.temp_details    ? 
_exptl_crystal_grow.pH              7.00 
_exptl_crystal_grow.pdbx_details    
'Na Cacodylate, CaCl2, Spermine, MPD in resevoir, pH 7.0, VAPOR DIFFUSION, SITTING DROP, temperature 298K, pH 7.00' 
_exptl_crystal_grow.pdbx_pH_range   . 
# 
loop_
_exptl_crystal_grow_comp.crystal_id 
_exptl_crystal_grow_comp.id 
_exptl_crystal_grow_comp.sol_id 
_exptl_crystal_grow_comp.name 
_exptl_crystal_grow_comp.conc 
_exptl_crystal_grow_comp.volume 
_exptl_crystal_grow_comp.details 
1 1 1 'Na Cacodylate' ? ? ? 
1 2 1 CaCl2           ? ? ? 
1 3 1 Spermine        ? ? ? 
1 4 1 MPD             ? ? ? 
1 5 1 H2O             ? ? ? 
1 6 2 'Na Cacodylate' ? ? ? 
1 7 2 CaCl2           ? ? ? 
1 8 2 MPD             ? ? ? 
1 9 2 H2O             ? ? ? 
# 
_diffrn.id                     1 
_diffrn.ambient_temp           103.0 
_diffrn.ambient_temp_details   ? 
_diffrn.crystal_id             1 
# 
_diffrn_detector.diffrn_id              1 
_diffrn_detector.detector               CCD 
_diffrn_detector.type                   'ADSC QUANTUM 4' 
_diffrn_detector.pdbx_collection_date   2004-02-25 
_diffrn_detector.details                ? 
# 
_diffrn_radiation.diffrn_id                        1 
_diffrn_radiation.wavelength_id                    1 
_diffrn_radiation.pdbx_monochromatic_or_laue_m_l   M 
_diffrn_radiation.monochromator                    ? 
_diffrn_radiation.pdbx_diffrn_protocol             'SINGLE WAVELENGTH' 
_diffrn_radiation.pdbx_scattering_type             x-ray 
# 
_diffrn_radiation_wavelength.id           1 
_diffrn_radiation_wavelength.wavelength   0.9795 
_diffrn_radiation_wavelength.wt           1.0 
# 
_diffrn_source.diffrn_id                   1 
_diffrn_source.source                      SYNCHROTRON 
_diffrn_source.type                        'APS BEAMLINE 14-BM-D' 
_diffrn_source.pdbx_synchrotron_site       APS 
_diffrn_source.pdbx_synchrotron_beamline   14-BM-D 
_diffrn_source.pdbx_wavelength             0.9795 
_diffrn_source.pdbx_wavelength_list        ? 
# 
_reflns.entry_id                     1ZF1 
_reflns.observed_criterion_sigma_I   0.000 
_reflns.observed_criterion_sigma_F   ? 
_reflns.d_resolution_low             99.000 
_reflns.d_resolution_high            1.180 
_reflns.number_obs                   16256 
_reflns.number_all                   ? 
_reflns.percent_possible_obs         93.5 
_reflns.pdbx_Rmerge_I_obs            0.028 
_reflns.pdbx_Rsym_value              ? 
_reflns.pdbx_netI_over_sigmaI        ? 
_reflns.B_iso_Wilson_estimate        6.4 
_reflns.pdbx_redundancy              ? 
_reflns.R_free_details               ? 
_reflns.pdbx_chi_squared             ? 
_reflns.pdbx_scaling_rejects         ? 
_reflns.pdbx_diffrn_id               1 
_reflns.pdbx_ordinal                 1 
# 
_reflns_shell.d_res_high             1.18 
_reflns_shell.d_res_low              1.22 
_reflns_shell.percent_possible_all   49.8 
_reflns_shell.Rmerge_I_obs           0.453 
_reflns_shell.pdbx_Rsym_value        0.453 
_reflns_shell.meanI_over_sigI_obs    1.370 
_reflns_shell.pdbx_redundancy        ? 
_reflns_shell.percent_possible_obs   ? 
_reflns_shell.number_unique_all      ? 
_reflns_shell.number_measured_all    ? 
_reflns_shell.number_measured_obs    ? 
_reflns_shell.number_unique_obs      ? 
_reflns_shell.pdbx_chi_squared       ? 
_reflns_shell.pdbx_diffrn_id         ? 
_reflns_shell.pdbx_ordinal           1 
# 
_refine.entry_id                                 1ZF1 
_refine.ls_number_reflns_obs                     11315 
_refine.ls_number_reflns_all                     ? 
_refine.pdbx_ls_sigma_I                          ? 
_refine.pdbx_ls_sigma_F                          0.000 
_refine.pdbx_data_cutoff_high_absF               49500.12 
_refine.pdbx_data_cutoff_low_absF                0.00 
_refine.pdbx_data_cutoff_high_rms_absF           ? 
_refine.ls_d_res_low                             19.61 
_refine.ls_d_res_high                            1.35 
_refine.ls_percent_reflns_obs                    96.5 
_refine.ls_R_factor_obs                          0.222 
_refine.ls_R_factor_all                          ? 
_refine.ls_R_factor_R_work                       0.222 
_refine.ls_R_factor_R_free                       0.245 
_refine.ls_R_factor_R_free_error                 0.007 
_refine.ls_R_factor_R_free_error_details         ? 
_refine.ls_percent_reflns_R_free                 10.200 
_refine.ls_number_reflns_R_free                  1151 
_refine.ls_number_parameters                     ? 
_refine.ls_number_restraints                     ? 
_refine.occupancy_min                            ? 
_refine.occupancy_max                            ? 
_refine.correlation_coeff_Fo_to_Fc               ? 
_refine.correlation_coeff_Fo_to_Fc_free          ? 
_refine.B_iso_mean                               8.43 
_refine.aniso_B[1][1]                            -0.42400 
_refine.aniso_B[2][2]                            0.57600 
_refine.aniso_B[3][3]                            -0.15200 
_refine.aniso_B[1][2]                            0.00000 
_refine.aniso_B[1][3]                            0.00000 
_refine.aniso_B[2][3]                            0.00000 
_refine.solvent_model_details                    ? 
_refine.solvent_model_param_ksol                 ? 
_refine.solvent_model_param_bsol                 24.42 
_refine.pdbx_solvent_vdw_probe_radii             ? 
_refine.pdbx_solvent_ion_probe_radii             ? 
_refine.pdbx_solvent_shrinkage_radii             ? 
_refine.pdbx_ls_cross_valid_method               THROUGHOUT 
_refine.details                                  
'STRUCTURE IS NOT REFINED TO ITS LOWEST R VALUES, REFER TO CITATION. ALTERNATE CONFORMATIONS CLEARLY VISIBLE ALONG DNA BACKBONE.' 
_refine.pdbx_starting_model                      'NDB ENTRY ADJ082' 
_refine.pdbx_method_to_determine_struct          'MOLECULAR REPLACEMENT' 
_refine.pdbx_isotropic_thermal_model             RESTRAINED 
_refine.pdbx_stereochemistry_target_values       'MAXIMUM LIKELIHOOD' 
_refine.pdbx_stereochem_target_val_spec_case     ? 
_refine.pdbx_R_Free_selection_details            RANDOM 
_refine.pdbx_overall_ESU_R                       ? 
_refine.pdbx_overall_ESU_R_Free                  ? 
_refine.overall_SU_ML                            ? 
_refine.overall_SU_B                             ? 
_refine.ls_redundancy_reflns_obs                 ? 
_refine.overall_SU_R_Cruickshank_DPI             ? 
_refine.overall_SU_R_free                        ? 
_refine.ls_wR_factor_R_free                      ? 
_refine.ls_wR_factor_R_work                      ? 
_refine.overall_FOM_free_R_set                   ? 
_refine.overall_FOM_work_R_set                   ? 
_refine.pdbx_refine_id                           'X-RAY DIFFRACTION' 
_refine.pdbx_diffrn_id                           1 
_refine.pdbx_TLS_residual_ADP_flag               ? 
_refine.pdbx_overall_phase_error                 ? 
_refine.pdbx_overall_SU_R_free_Cruickshank_DPI   ? 
_refine.pdbx_overall_SU_R_Blow_DPI               ? 
_refine.pdbx_overall_SU_R_free_Blow_DPI          ? 
# 
_refine_analyze.entry_id                        1ZF1 
_refine_analyze.Luzzati_coordinate_error_obs    0.17 
_refine_analyze.Luzzati_sigma_a_obs             0.10 
_refine_analyze.Luzzati_d_res_low_obs           5.00 
_refine_analyze.Luzzati_coordinate_error_free   0.19 
_refine_analyze.Luzzati_sigma_a_free            0.14 
_refine_analyze.Luzzati_d_res_low_free          ? 
_refine_analyze.number_disordered_residues      ? 
_refine_analyze.occupancy_sum_hydrogen          ? 
_refine_analyze.occupancy_sum_non_hydrogen      ? 
_refine_analyze.pdbx_refine_id                  'X-RAY DIFFRACTION' 
# 
_refine_hist.pdbx_refine_id                   'X-RAY DIFFRACTION' 
_refine_hist.cycle_id                         LAST 
_refine_hist.pdbx_number_atoms_protein        0 
_refine_hist.pdbx_number_atoms_nucleic_acid   404 
_refine_hist.pdbx_number_atoms_ligand         0 
_refine_hist.number_atoms_solvent             130 
_refine_hist.number_atoms_total               534 
_refine_hist.d_res_high                       1.35 
_refine_hist.d_res_low                        19.61 
# 
loop_
_refine_ls_restr.type 
_refine_ls_restr.dev_ideal 
_refine_ls_restr.dev_ideal_target 
_refine_ls_restr.weight 
_refine_ls_restr.number 
_refine_ls_restr.pdbx_refine_id 
_refine_ls_restr.pdbx_restraint_function 
c_bond_d                0.015 ?     ? ? 'X-RAY DIFFRACTION' ? 
c_bond_d_na             ?     ?     ? ? 'X-RAY DIFFRACTION' ? 
c_bond_d_prot           ?     ?     ? ? 'X-RAY DIFFRACTION' ? 
c_angle_d               ?     ?     ? ? 'X-RAY DIFFRACTION' ? 
c_angle_d_na            ?     ?     ? ? 'X-RAY DIFFRACTION' ? 
c_angle_d_prot          ?     ?     ? ? 'X-RAY DIFFRACTION' ? 
c_angle_deg             2.2   ?     ? ? 'X-RAY DIFFRACTION' ? 
c_angle_deg_na          ?     ?     ? ? 'X-RAY DIFFRACTION' ? 
c_angle_deg_prot        ?     ?     ? ? 'X-RAY DIFFRACTION' ? 
c_dihedral_angle_d      33.4  ?     ? ? 'X-RAY DIFFRACTION' ? 
c_dihedral_angle_d_na   ?     ?     ? ? 'X-RAY DIFFRACTION' ? 
c_dihedral_angle_d_prot ?     ?     ? ? 'X-RAY DIFFRACTION' ? 
c_improper_angle_d      2.08  ?     ? ? 'X-RAY DIFFRACTION' ? 
c_improper_angle_d_na   ?     ?     ? ? 'X-RAY DIFFRACTION' ? 
c_improper_angle_d_prot ?     ?     ? ? 'X-RAY DIFFRACTION' ? 
c_mcbond_it             0.752 ?     ? ? 'X-RAY DIFFRACTION' ? 
c_mcangle_it            0.973 0.000 ? ? 'X-RAY DIFFRACTION' ? 
c_scbond_it             1.134 0.000 ? ? 'X-RAY DIFFRACTION' ? 
c_scangle_it            1.712 0.000 ? ? 'X-RAY DIFFRACTION' ? 
# 
_refine_ls_shell.pdbx_total_number_of_bins_used   6 
_refine_ls_shell.d_res_high                       1.35 
_refine_ls_shell.d_res_low                        1.43 
_refine_ls_shell.number_reflns_R_work             1597 
_refine_ls_shell.R_factor_R_work                  0.258 
_refine_ls_shell.percent_reflns_obs               93.8 
_refine_ls_shell.R_factor_R_free                  0.285 
_refine_ls_shell.R_factor_R_free_error            0.021 
_refine_ls_shell.percent_reflns_R_free            10.5 
_refine_ls_shell.number_reflns_R_free             188 
_refine_ls_shell.redundancy_reflns_obs            ? 
_refine_ls_shell.pdbx_refine_id                   'X-RAY DIFFRACTION' 
_refine_ls_shell.number_reflns_all                ? 
_refine_ls_shell.R_factor_all                     ? 
# 
loop_
_pdbx_xplor_file.serial_no 
_pdbx_xplor_file.param_file 
_pdbx_xplor_file.topol_file 
_pdbx_xplor_file.pdbx_refine_id 
1 CNS_TOPPAR:DNA-RNA_REP.PARAM CNS_TOPPAR:DNA-RNA.TOP  'X-RAY DIFFRACTION' 
2 CNS_TOPPAR:WATER_REP.PARAM   CNS_TOPPAR:DNA-RNA.LINK 'X-RAY DIFFRACTION' 
3 CNS_TOPPAR:ION.PARAM         CNS_TOPPAR:WATER.TOP    'X-RAY DIFFRACTION' 
4 ?                            CNS_TOPPAR:ION.TOP      'X-RAY DIFFRACTION' 
# 
_struct.entry_id                  1ZF1 
_struct.title                     'CCC A-DNA' 
_struct.pdbx_model_details        ? 
_struct.pdbx_CASP_flag            ? 
_struct.pdbx_model_type_details   ? 
# 
_struct_keywords.text            'Crystallographic Screen, DNA Structure, Holliday Junction, Molecular Structure, DNA' 
_struct_keywords.entry_id        1ZF1 
_struct_keywords.pdbx_keywords   DNA 
# 
loop_
_struct_asym.id 
_struct_asym.pdbx_blank_PDB_chainid_flag 
_struct_asym.pdbx_modified 
_struct_asym.entity_id 
_struct_asym.details 
A N N 1 ? 
B N N 1 ? 
C N N 2 ? 
D N N 2 ? 
# 
_struct_ref.id                         1 
_struct_ref.entity_id                  1 
_struct_ref.db_name                    PDB 
_struct_ref.db_code                    1ZF1 
_struct_ref.pdbx_db_accession          1ZF1 
_struct_ref.pdbx_db_isoform            ? 
_struct_ref.pdbx_seq_one_letter_code   ? 
_struct_ref.pdbx_align_begin           ? 
# 
loop_
_struct_ref_seq.align_id 
_struct_ref_seq.ref_id 
_struct_ref_seq.pdbx_PDB_id_code 
_struct_ref_seq.pdbx_strand_id 
_struct_ref_seq.seq_align_beg 
_struct_ref_seq.pdbx_seq_align_beg_ins_code 
_struct_ref_seq.seq_align_end 
_struct_ref_seq.pdbx_seq_align_end_ins_code 
_struct_ref_seq.pdbx_db_accession 
_struct_ref_seq.db_align_beg 
_struct_ref_seq.pdbx_db_align_beg_ins_code 
_struct_ref_seq.db_align_end 
_struct_ref_seq.pdbx_db_align_end_ins_code 
_struct_ref_seq.pdbx_auth_seq_align_beg 
_struct_ref_seq.pdbx_auth_seq_align_end 
1 1 1ZF1 A 1 ? 10 ? 1ZF1 1  ? 10 ? 1  10 
2 1 1ZF1 B 1 ? 10 ? 1ZF1 11 ? 20 ? 11 20 
# 
_pdbx_struct_assembly.id                   1 
_pdbx_struct_assembly.details              author_defined_assembly 
_pdbx_struct_assembly.method_details       ? 
_pdbx_struct_assembly.oligomeric_details   dimeric 
_pdbx_struct_assembly.oligomeric_count     2 
# 
_pdbx_struct_assembly_gen.assembly_id       1 
_pdbx_struct_assembly_gen.oper_expression   1 
_pdbx_struct_assembly_gen.asym_id_list      A,B,C,D 
# 
_pdbx_struct_oper_list.id                   1 
_pdbx_struct_oper_list.type                 'identity operation' 
_pdbx_struct_oper_list.name                 1_555 
_pdbx_struct_oper_list.symmetry_operation   x,y,z 
_pdbx_struct_oper_list.matrix[1][1]         1.0000000000 
_pdbx_struct_oper_list.matrix[1][2]         0.0000000000 
_pdbx_struct_oper_list.matrix[1][3]         0.0000000000 
_pdbx_struct_oper_list.vector[1]            0.0000000000 
_pdbx_struct_oper_list.matrix[2][1]         0.0000000000 
_pdbx_struct_oper_list.matrix[2][2]         1.0000000000 
_pdbx_struct_oper_list.matrix[2][3]         0.0000000000 
_pdbx_struct_oper_list.vector[2]            0.0000000000 
_pdbx_struct_oper_list.matrix[3][1]         0.0000000000 
_pdbx_struct_oper_list.matrix[3][2]         0.0000000000 
_pdbx_struct_oper_list.matrix[3][3]         1.0000000000 
_pdbx_struct_oper_list.vector[3]            0.0000000000 
# 
_struct_biol.id                    1 
_struct_biol.pdbx_parent_biol_id   ? 
_struct_biol.details               ? 
# 
loop_
_struct_conn.id 
_struct_conn.conn_type_id 
_struct_conn.pdbx_leaving_atom_flag 
_struct_conn.pdbx_PDB_id 
_struct_conn.ptnr1_label_asym_id 
_struct_conn.ptnr1_label_comp_id 
_struct_conn.ptnr1_label_seq_id 
_struct_conn.ptnr1_label_atom_id 
_struct_conn.pdbx_ptnr1_label_alt_id 
_struct_conn.pdbx_ptnr1_PDB_ins_code 
_struct_conn.pdbx_ptnr1_standard_comp_id 
_struct_conn.ptnr1_symmetry 
_struct_conn.ptnr2_label_asym_id 
_struct_conn.ptnr2_label_comp_id 
_struct_conn.ptnr2_label_seq_id 
_struct_conn.ptnr2_label_atom_id 
_struct_conn.pdbx_ptnr2_label_alt_id 
_struct_conn.pdbx_ptnr2_PDB_ins_code 
_struct_conn.ptnr1_auth_asym_id 
_struct_conn.ptnr1_auth_comp_id 
_struct_conn.ptnr1_auth_seq_id 
_struct_conn.ptnr2_auth_asym_id 
_struct_conn.ptnr2_auth_comp_id 
_struct_conn.ptnr2_auth_seq_id 
_struct_conn.ptnr2_symmetry 
_struct_conn.pdbx_ptnr3_label_atom_id 
_struct_conn.pdbx_ptnr3_label_seq_id 
_struct_conn.pdbx_ptnr3_label_comp_id 
_struct_conn.pdbx_ptnr3_label_asym_id 
_struct_conn.pdbx_ptnr3_label_alt_id 
_struct_conn.pdbx_ptnr3_PDB_ins_code 
_struct_conn.details 
_struct_conn.pdbx_dist_value 
_struct_conn.pdbx_value_order 
_struct_conn.pdbx_role 
hydrog1  hydrog ? ? A DC 1  N3 ? ? ? 1_555 B DG 10 N1 ? ? A DC 1  B DG 20 1_555 ? ? ? ? ? ? WATSON-CRICK ? ? ? 
hydrog2  hydrog ? ? A DC 1  N4 ? ? ? 1_555 B DG 10 O6 ? ? A DC 1  B DG 20 1_555 ? ? ? ? ? ? WATSON-CRICK ? ? ? 
hydrog3  hydrog ? ? A DC 1  O2 ? ? ? 1_555 B DG 10 N2 ? ? A DC 1  B DG 20 1_555 ? ? ? ? ? ? WATSON-CRICK ? ? ? 
hydrog4  hydrog ? ? A DC 2  N3 ? ? ? 1_555 B DG 9  N1 ? ? A DC 2  B DG 19 1_555 ? ? ? ? ? ? WATSON-CRICK ? ? ? 
hydrog5  hydrog ? ? A DC 2  N4 ? ? ? 1_555 B DG 9  O6 ? ? A DC 2  B DG 19 1_555 ? ? ? ? ? ? WATSON-CRICK ? ? ? 
hydrog6  hydrog ? ? A DC 2  O2 ? ? ? 1_555 B DG 9  N2 ? ? A DC 2  B DG 19 1_555 ? ? ? ? ? ? WATSON-CRICK ? ? ? 
hydrog7  hydrog ? ? A DG 3  N1 ? ? ? 1_555 B DC 8  N3 ? ? A DG 3  B DC 18 1_555 ? ? ? ? ? ? WATSON-CRICK ? ? ? 
hydrog8  hydrog ? ? A DG 3  N2 ? ? ? 1_555 B DC 8  O2 ? ? A DG 3  B DC 18 1_555 ? ? ? ? ? ? WATSON-CRICK ? ? ? 
hydrog9  hydrog ? ? A DG 3  O6 ? ? ? 1_555 B DC 8  N4 ? ? A DG 3  B DC 18 1_555 ? ? ? ? ? ? WATSON-CRICK ? ? ? 
hydrog10 hydrog ? ? A DG 4  N1 ? ? ? 1_555 B DC 7  N3 ? ? A DG 4  B DC 17 1_555 ? ? ? ? ? ? WATSON-CRICK ? ? ? 
hydrog11 hydrog ? ? A DG 4  N2 ? ? ? 1_555 B DC 7  O2 ? ? A DG 4  B DC 17 1_555 ? ? ? ? ? ? WATSON-CRICK ? ? ? 
hydrog12 hydrog ? ? A DG 4  O6 ? ? ? 1_555 B DC 7  N4 ? ? A DG 4  B DC 17 1_555 ? ? ? ? ? ? WATSON-CRICK ? ? ? 
hydrog13 hydrog ? ? A DG 5  N1 ? ? ? 1_555 B DC 6  N3 ? ? A DG 5  B DC 16 1_555 ? ? ? ? ? ? WATSON-CRICK ? ? ? 
hydrog14 hydrog ? ? A DG 5  N2 ? ? ? 1_555 B DC 6  O2 ? ? A DG 5  B DC 16 1_555 ? ? ? ? ? ? WATSON-CRICK ? ? ? 
hydrog15 hydrog ? ? A DG 5  O6 ? ? ? 1_555 B DC 6  N4 ? ? A DG 5  B DC 16 1_555 ? ? ? ? ? ? WATSON-CRICK ? ? ? 
hydrog16 hydrog ? ? A DC 6  N3 ? ? ? 1_555 B DG 5  N1 ? ? A DC 6  B DG 15 1_555 ? ? ? ? ? ? WATSON-CRICK ? ? ? 
hydrog17 hydrog ? ? A DC 6  N4 ? ? ? 1_555 B DG 5  O6 ? ? A DC 6  B DG 15 1_555 ? ? ? ? ? ? WATSON-CRICK ? ? ? 
hydrog18 hydrog ? ? A DC 6  O2 ? ? ? 1_555 B DG 5  N2 ? ? A DC 6  B DG 15 1_555 ? ? ? ? ? ? WATSON-CRICK ? ? ? 
hydrog19 hydrog ? ? A DC 7  N3 ? ? ? 1_555 B DG 4  N1 ? ? A DC 7  B DG 14 1_555 ? ? ? ? ? ? WATSON-CRICK ? ? ? 
hydrog20 hydrog ? ? A DC 7  N4 ? ? ? 1_555 B DG 4  O6 ? ? A DC 7  B DG 14 1_555 ? ? ? ? ? ? WATSON-CRICK ? ? ? 
hydrog21 hydrog ? ? A DC 7  O2 ? ? ? 1_555 B DG 4  N2 ? ? A DC 7  B DG 14 1_555 ? ? ? ? ? ? WATSON-CRICK ? ? ? 
hydrog22 hydrog ? ? A DC 8  N3 ? ? ? 1_555 B DG 3  N1 ? ? A DC 8  B DG 13 1_555 ? ? ? ? ? ? WATSON-CRICK ? ? ? 
hydrog23 hydrog ? ? A DC 8  N4 ? ? ? 1_555 B DG 3  O6 ? ? A DC 8  B DG 13 1_555 ? ? ? ? ? ? WATSON-CRICK ? ? ? 
hydrog24 hydrog ? ? A DC 8  O2 ? ? ? 1_555 B DG 3  N2 ? ? A DC 8  B DG 13 1_555 ? ? ? ? ? ? WATSON-CRICK ? ? ? 
hydrog25 hydrog ? ? A DG 9  N1 ? ? ? 1_555 B DC 2  N3 ? ? A DG 9  B DC 12 1_555 ? ? ? ? ? ? WATSON-CRICK ? ? ? 
hydrog26 hydrog ? ? A DG 9  N2 ? ? ? 1_555 B DC 2  O2 ? ? A DG 9  B DC 12 1_555 ? ? ? ? ? ? WATSON-CRICK ? ? ? 
hydrog27 hydrog ? ? A DG 9  O6 ? ? ? 1_555 B DC 2  N4 ? ? A DG 9  B DC 12 1_555 ? ? ? ? ? ? WATSON-CRICK ? ? ? 
hydrog28 hydrog ? ? A DG 10 N1 ? ? ? 1_555 B DC 1  N3 ? ? A DG 10 B DC 11 1_555 ? ? ? ? ? ? WATSON-CRICK ? ? ? 
hydrog29 hydrog ? ? A DG 10 N2 ? ? ? 1_555 B DC 1  O2 ? ? A DG 10 B DC 11 1_555 ? ? ? ? ? ? WATSON-CRICK ? ? ? 
hydrog30 hydrog ? ? A DG 10 O6 ? ? ? 1_555 B DC 1  N4 ? ? A DG 10 B DC 11 1_555 ? ? ? ? ? ? WATSON-CRICK ? ? ? 
# 
_struct_conn_type.id          hydrog 
_struct_conn_type.criteria    ? 
_struct_conn_type.reference   ? 
# 
loop_
_pdbx_validate_close_contact.id 
_pdbx_validate_close_contact.PDB_model_num 
_pdbx_validate_close_contact.auth_atom_id_1 
_pdbx_validate_close_contact.auth_asym_id_1 
_pdbx_validate_close_contact.auth_comp_id_1 
_pdbx_validate_close_contact.auth_seq_id_1 
_pdbx_validate_close_contact.PDB_ins_code_1 
_pdbx_validate_close_contact.label_alt_id_1 
_pdbx_validate_close_contact.auth_atom_id_2 
_pdbx_validate_close_contact.auth_asym_id_2 
_pdbx_validate_close_contact.auth_comp_id_2 
_pdbx_validate_close_contact.auth_seq_id_2 
_pdbx_validate_close_contact.PDB_ins_code_2 
_pdbx_validate_close_contact.label_alt_id_2 
_pdbx_validate_close_contact.dist 
1  1 O     B HOH 50  ? ? O B HOH 147 ? ? 1.97 
2  1 O     B HOH 59  ? ? O B HOH 157 ? ? 2.02 
3  1 O2    A DC  7   ? ? O A HOH 127 ? ? 2.06 
4  1 O     A HOH 119 ? ? O A HOH 142 ? ? 2.11 
5  1 O     A HOH 49  ? ? O A HOH 159 ? ? 2.11 
6  1 "O4'" A DC  8   ? ? O A HOH 127 ? ? 2.12 
7  1 O     B HOH 64  ? ? O B HOH 133 ? ? 2.13 
8  1 O     A HOH 119 ? ? O A HOH 153 ? ? 2.16 
9  1 O     A HOH 110 ? ? O A HOH 142 ? ? 2.17 
10 1 O     B HOH 76  ? ? O B HOH 150 ? ? 2.18 
# 
loop_
_pdbx_validate_symm_contact.id 
_pdbx_validate_symm_contact.PDB_model_num 
_pdbx_validate_symm_contact.auth_atom_id_1 
_pdbx_validate_symm_contact.auth_asym_id_1 
_pdbx_validate_symm_contact.auth_comp_id_1 
_pdbx_validate_symm_contact.auth_seq_id_1 
_pdbx_validate_symm_contact.PDB_ins_code_1 
_pdbx_validate_symm_contact.label_alt_id_1 
_pdbx_validate_symm_contact.site_symmetry_1 
_pdbx_validate_symm_contact.auth_atom_id_2 
_pdbx_validate_symm_contact.auth_asym_id_2 
_pdbx_validate_symm_contact.auth_comp_id_2 
_pdbx_validate_symm_contact.auth_seq_id_2 
_pdbx_validate_symm_contact.PDB_ins_code_2 
_pdbx_validate_symm_contact.label_alt_id_2 
_pdbx_validate_symm_contact.site_symmetry_2 
_pdbx_validate_symm_contact.dist 
1 1 O A HOH 51  ? ? 1_555 O B HOH 123 ? ? 2_575 2.04 
2 1 O A HOH 156 ? ? 1_555 O B HOH 48  ? ? 3_656 2.19 
# 
loop_
_pdbx_validate_rmsd_angle.id 
_pdbx_validate_rmsd_angle.PDB_model_num 
_pdbx_validate_rmsd_angle.auth_atom_id_1 
_pdbx_validate_rmsd_angle.auth_asym_id_1 
_pdbx_validate_rmsd_angle.auth_comp_id_1 
_pdbx_validate_rmsd_angle.auth_seq_id_1 
_pdbx_validate_rmsd_angle.PDB_ins_code_1 
_pdbx_validate_rmsd_angle.label_alt_id_1 
_pdbx_validate_rmsd_angle.auth_atom_id_2 
_pdbx_validate_rmsd_angle.auth_asym_id_2 
_pdbx_validate_rmsd_angle.auth_comp_id_2 
_pdbx_validate_rmsd_angle.auth_seq_id_2 
_pdbx_validate_rmsd_angle.PDB_ins_code_2 
_pdbx_validate_rmsd_angle.label_alt_id_2 
_pdbx_validate_rmsd_angle.auth_atom_id_3 
_pdbx_validate_rmsd_angle.auth_asym_id_3 
_pdbx_validate_rmsd_angle.auth_comp_id_3 
_pdbx_validate_rmsd_angle.auth_seq_id_3 
_pdbx_validate_rmsd_angle.PDB_ins_code_3 
_pdbx_validate_rmsd_angle.label_alt_id_3 
_pdbx_validate_rmsd_angle.angle_value 
_pdbx_validate_rmsd_angle.angle_target_value 
_pdbx_validate_rmsd_angle.angle_deviation 
_pdbx_validate_rmsd_angle.angle_standard_deviation 
_pdbx_validate_rmsd_angle.linker_flag 
1 1 "O4'" A DG 3 ? ? "C1'" A DG 3 ? ? N9  A DG 3 ? ? 110.25 108.30 1.95 0.30 N 
2 1 "O3'" A DG 4 ? ? P     A DG 5 ? ? OP2 A DG 5 ? ? 117.46 110.50 6.96 1.10 Y 
# 
loop_
_pdbx_validate_planes.id 
_pdbx_validate_planes.PDB_model_num 
_pdbx_validate_planes.auth_comp_id 
_pdbx_validate_planes.auth_asym_id 
_pdbx_validate_planes.auth_seq_id 
_pdbx_validate_planes.PDB_ins_code 
_pdbx_validate_planes.label_alt_id 
_pdbx_validate_planes.rmsd 
_pdbx_validate_planes.type 
1 1 DC A 1 ? ? 0.101 'SIDE CHAIN' 
2 1 DG A 3 ? ? 0.059 'SIDE CHAIN' 
# 
loop_
_chem_comp_atom.comp_id 
_chem_comp_atom.atom_id 
_chem_comp_atom.type_symbol 
_chem_comp_atom.pdbx_aromatic_flag 
_chem_comp_atom.pdbx_stereo_config 
_chem_comp_atom.pdbx_ordinal 
DC  OP3    O N N 1  
DC  P      P N N 2  
DC  OP1    O N N 3  
DC  OP2    O N N 4  
DC  "O5'"  O N N 5  
DC  "C5'"  C N N 6  
DC  "C4'"  C N R 7  
DC  "O4'"  O N N 8  
DC  "C3'"  C N S 9  
DC  "O3'"  O N N 10 
DC  "C2'"  C N N 11 
DC  "C1'"  C N R 12 
DC  N1     N N N 13 
DC  C2     C N N 14 
DC  O2     O N N 15 
DC  N3     N N N 16 
DC  C4     C N N 17 
DC  N4     N N N 18 
DC  C5     C N N 19 
DC  C6     C N N 20 
DC  HOP3   H N N 21 
DC  HOP2   H N N 22 
DC  "H5'"  H N N 23 
DC  "H5''" H N N 24 
DC  "H4'"  H N N 25 
DC  "H3'"  H N N 26 
DC  "HO3'" H N N 27 
DC  "H2'"  H N N 28 
DC  "H2''" H N N 29 
DC  "H1'"  H N N 30 
DC  H41    H N N 31 
DC  H42    H N N 32 
DC  H5     H N N 33 
DC  H6     H N N 34 
DG  OP3    O N N 35 
DG  P      P N N 36 
DG  OP1    O N N 37 
DG  OP2    O N N 38 
DG  "O5'"  O N N 39 
DG  "C5'"  C N N 40 
DG  "C4'"  C N R 41 
DG  "O4'"  O N N 42 
DG  "C3'"  C N S 43 
DG  "O3'"  O N N 44 
DG  "C2'"  C N N 45 
DG  "C1'"  C N R 46 
DG  N9     N Y N 47 
DG  C8     C Y N 48 
DG  N7     N Y N 49 
DG  C5     C Y N 50 
DG  C6     C N N 51 
DG  O6     O N N 52 
DG  N1     N N N 53 
DG  C2     C N N 54 
DG  N2     N N N 55 
DG  N3     N N N 56 
DG  C4     C Y N 57 
DG  HOP3   H N N 58 
DG  HOP2   H N N 59 
DG  "H5'"  H N N 60 
DG  "H5''" H N N 61 
DG  "H4'"  H N N 62 
DG  "H3'"  H N N 63 
DG  "HO3'" H N N 64 
DG  "H2'"  H N N 65 
DG  "H2''" H N N 66 
DG  "H1'"  H N N 67 
DG  H8     H N N 68 
DG  H1     H N N 69 
DG  H21    H N N 70 
DG  H22    H N N 71 
HOH O      O N N 72 
HOH H1     H N N 73 
HOH H2     H N N 74 
# 
loop_
_chem_comp_bond.comp_id 
_chem_comp_bond.atom_id_1 
_chem_comp_bond.atom_id_2 
_chem_comp_bond.value_order 
_chem_comp_bond.pdbx_aromatic_flag 
_chem_comp_bond.pdbx_stereo_config 
_chem_comp_bond.pdbx_ordinal 
DC  OP3   P      sing N N 1  
DC  OP3   HOP3   sing N N 2  
DC  P     OP1    doub N N 3  
DC  P     OP2    sing N N 4  
DC  P     "O5'"  sing N N 5  
DC  OP2   HOP2   sing N N 6  
DC  "O5'" "C5'"  sing N N 7  
DC  "C5'" "C4'"  sing N N 8  
DC  "C5'" "H5'"  sing N N 9  
DC  "C5'" "H5''" sing N N 10 
DC  "C4'" "O4'"  sing N N 11 
DC  "C4'" "C3'"  sing N N 12 
DC  "C4'" "H4'"  sing N N 13 
DC  "O4'" "C1'"  sing N N 14 
DC  "C3'" "O3'"  sing N N 15 
DC  "C3'" "C2'"  sing N N 16 
DC  "C3'" "H3'"  sing N N 17 
DC  "O3'" "HO3'" sing N N 18 
DC  "C2'" "C1'"  sing N N 19 
DC  "C2'" "H2'"  sing N N 20 
DC  "C2'" "H2''" sing N N 21 
DC  "C1'" N1     sing N N 22 
DC  "C1'" "H1'"  sing N N 23 
DC  N1    C2     sing N N 24 
DC  N1    C6     sing N N 25 
DC  C2    O2     doub N N 26 
DC  C2    N3     sing N N 27 
DC  N3    C4     doub N N 28 
DC  C4    N4     sing N N 29 
DC  C4    C5     sing N N 30 
DC  N4    H41    sing N N 31 
DC  N4    H42    sing N N 32 
DC  C5    C6     doub N N 33 
DC  C5    H5     sing N N 34 
DC  C6    H6     sing N N 35 
DG  OP3   P      sing N N 36 
DG  OP3   HOP3   sing N N 37 
DG  P     OP1    doub N N 38 
DG  P     OP2    sing N N 39 
DG  P     "O5'"  sing N N 40 
DG  OP2   HOP2   sing N N 41 
DG  "O5'" "C5'"  sing N N 42 
DG  "C5'" "C4'"  sing N N 43 
DG  "C5'" "H5'"  sing N N 44 
DG  "C5'" "H5''" sing N N 45 
DG  "C4'" "O4'"  sing N N 46 
DG  "C4'" "C3'"  sing N N 47 
DG  "C4'" "H4'"  sing N N 48 
DG  "O4'" "C1'"  sing N N 49 
DG  "C3'" "O3'"  sing N N 50 
DG  "C3'" "C2'"  sing N N 51 
DG  "C3'" "H3'"  sing N N 52 
DG  "O3'" "HO3'" sing N N 53 
DG  "C2'" "C1'"  sing N N 54 
DG  "C2'" "H2'"  sing N N 55 
DG  "C2'" "H2''" sing N N 56 
DG  "C1'" N9     sing N N 57 
DG  "C1'" "H1'"  sing N N 58 
DG  N9    C8     sing Y N 59 
DG  N9    C4     sing Y N 60 
DG  C8    N7     doub Y N 61 
DG  C8    H8     sing N N 62 
DG  N7    C5     sing Y N 63 
DG  C5    C6     sing N N 64 
DG  C5    C4     doub Y N 65 
DG  C6    O6     doub N N 66 
DG  C6    N1     sing N N 67 
DG  N1    C2     sing N N 68 
DG  N1    H1     sing N N 69 
DG  C2    N2     sing N N 70 
DG  C2    N3     doub N N 71 
DG  N2    H21    sing N N 72 
DG  N2    H22    sing N N 73 
DG  N3    C4     sing N N 74 
HOH O     H1     sing N N 75 
HOH O     H2     sing N N 76 
# 
_ndb_struct_conf_na.entry_id   1ZF1 
_ndb_struct_conf_na.feature    'a-form double helix' 
# 
loop_
_ndb_struct_na_base_pair.model_number 
_ndb_struct_na_base_pair.i_label_asym_id 
_ndb_struct_na_base_pair.i_label_comp_id 
_ndb_struct_na_base_pair.i_label_seq_id 
_ndb_struct_na_base_pair.i_symmetry 
_ndb_struct_na_base_pair.j_label_asym_id 
_ndb_struct_na_base_pair.j_label_comp_id 
_ndb_struct_na_base_pair.j_label_seq_id 
_ndb_struct_na_base_pair.j_symmetry 
_ndb_struct_na_base_pair.shear 
_ndb_struct_na_base_pair.stretch 
_ndb_struct_na_base_pair.stagger 
_ndb_struct_na_base_pair.buckle 
_ndb_struct_na_base_pair.propeller 
_ndb_struct_na_base_pair.opening 
_ndb_struct_na_base_pair.pair_number 
_ndb_struct_na_base_pair.pair_name 
_ndb_struct_na_base_pair.i_auth_asym_id 
_ndb_struct_na_base_pair.i_auth_seq_id 
_ndb_struct_na_base_pair.i_PDB_ins_code 
_ndb_struct_na_base_pair.j_auth_asym_id 
_ndb_struct_na_base_pair.j_auth_seq_id 
_ndb_struct_na_base_pair.j_PDB_ins_code 
_ndb_struct_na_base_pair.hbond_type_28 
_ndb_struct_na_base_pair.hbond_type_12 
1 A DC 1  1_555 B DG 10 1_555 0.149  -0.201 0.023  -3.415 8.831   -0.296 1  A_DC1:DG20_B  A 1  ? B 20 ? 19 1 
1 A DC 2  1_555 B DG 9  1_555 0.246  -0.137 0.028  6.884  -9.890  0.967  2  A_DC2:DG19_B  A 2  ? B 19 ? 19 1 
1 A DG 3  1_555 B DC 8  1_555 -0.191 -0.105 -0.115 -7.884 -9.239  0.909  3  A_DG3:DC18_B  A 3  ? B 18 ? 19 1 
1 A DG 4  1_555 B DC 7  1_555 -0.299 -0.089 0.130  -3.264 -10.829 1.695  4  A_DG4:DC17_B  A 4  ? B 17 ? 19 1 
1 A DG 5  1_555 B DC 6  1_555 -0.178 -0.197 -0.229 -3.715 -12.430 -2.358 5  A_DG5:DC16_B  A 5  ? B 16 ? 19 1 
1 A DC 6  1_555 B DG 5  1_555 0.171  -0.074 -0.056 4.262  -9.097  0.691  6  A_DC6:DG15_B  A 6  ? B 15 ? 19 1 
1 A DC 7  1_555 B DG 4  1_555 0.331  -0.144 -0.065 10.556 -12.641 -1.674 7  A_DC7:DG14_B  A 7  ? B 14 ? 19 1 
1 A DC 8  1_555 B DG 3  1_555 0.251  -0.222 -0.147 7.732  -14.624 1.132  8  A_DC8:DG13_B  A 8  ? B 13 ? 19 1 
1 A DG 9  1_555 B DC 2  1_555 -0.156 -0.045 0.133  -4.351 -10.994 2.536  9  A_DG9:DC12_B  A 9  ? B 12 ? 19 1 
1 A DG 10 1_555 B DC 1  1_555 -0.218 -0.108 -0.006 1.448  0.063   0.672  10 A_DG10:DC11_B A 10 ? B 11 ? 19 1 
# 
loop_
_ndb_struct_na_base_pair_step.model_number 
_ndb_struct_na_base_pair_step.i_label_asym_id_1 
_ndb_struct_na_base_pair_step.i_label_comp_id_1 
_ndb_struct_na_base_pair_step.i_label_seq_id_1 
_ndb_struct_na_base_pair_step.i_symmetry_1 
_ndb_struct_na_base_pair_step.j_label_asym_id_1 
_ndb_struct_na_base_pair_step.j_label_comp_id_1 
_ndb_struct_na_base_pair_step.j_label_seq_id_1 
_ndb_struct_na_base_pair_step.j_symmetry_1 
_ndb_struct_na_base_pair_step.i_label_asym_id_2 
_ndb_struct_na_base_pair_step.i_label_comp_id_2 
_ndb_struct_na_base_pair_step.i_label_seq_id_2 
_ndb_struct_na_base_pair_step.i_symmetry_2 
_ndb_struct_na_base_pair_step.j_label_asym_id_2 
_ndb_struct_na_base_pair_step.j_label_comp_id_2 
_ndb_struct_na_base_pair_step.j_label_seq_id_2 
_ndb_struct_na_base_pair_step.j_symmetry_2 
_ndb_struct_na_base_pair_step.shift 
_ndb_struct_na_base_pair_step.slide 
_ndb_struct_na_base_pair_step.rise 
_ndb_struct_na_base_pair_step.tilt 
_ndb_struct_na_base_pair_step.roll 
_ndb_struct_na_base_pair_step.twist 
_ndb_struct_na_base_pair_step.x_displacement 
_ndb_struct_na_base_pair_step.y_displacement 
_ndb_struct_na_base_pair_step.helical_rise 
_ndb_struct_na_base_pair_step.inclination 
_ndb_struct_na_base_pair_step.tip 
_ndb_struct_na_base_pair_step.helical_twist 
_ndb_struct_na_base_pair_step.step_number 
_ndb_struct_na_base_pair_step.step_name 
_ndb_struct_na_base_pair_step.i_auth_asym_id_1 
_ndb_struct_na_base_pair_step.i_auth_seq_id_1 
_ndb_struct_na_base_pair_step.i_PDB_ins_code_1 
_ndb_struct_na_base_pair_step.j_auth_asym_id_1 
_ndb_struct_na_base_pair_step.j_auth_seq_id_1 
_ndb_struct_na_base_pair_step.j_PDB_ins_code_1 
_ndb_struct_na_base_pair_step.i_auth_asym_id_2 
_ndb_struct_na_base_pair_step.i_auth_seq_id_2 
_ndb_struct_na_base_pair_step.i_PDB_ins_code_2 
_ndb_struct_na_base_pair_step.j_auth_asym_id_2 
_ndb_struct_na_base_pair_step.j_auth_seq_id_2 
_ndb_struct_na_base_pair_step.j_PDB_ins_code_2 
1 A DC 1 1_555 B DG 10 1_555 A DC 2  1_555 B DG 9 1_555 -0.188 -1.865 3.046 -2.062 -0.453 32.955 -3.209 0.004  3.076 -0.798 3.630  
33.020 1 AA_DC1DC2:DG19DG20_BB  A 1 ? B 20 ? A 2  ? B 19 ? 
1 A DC 2 1_555 B DG 9  1_555 A DG 3  1_555 B DC 8 1_555 0.251  -2.050 3.589 0.490  7.904  27.869 -5.873 -0.392 2.914 16.006 -0.992 
28.951 2 AA_DC2DG3:DC18DG19_BB  A 2 ? B 19 ? A 3  ? B 18 ? 
1 A DG 3 1_555 B DC 8  1_555 A DG 4  1_555 B DC 7 1_555 0.044  -2.152 3.209 -1.390 5.684  27.029 -5.765 -0.400 2.703 11.983 2.930  
27.644 3 AA_DG3DG4:DC17DC18_BB  A 3 ? B 18 ? A 4  ? B 17 ? 
1 A DG 4 1_555 B DC 7  1_555 A DG 5  1_555 B DC 6 1_555 -1.101 -1.621 3.308 0.868  9.833  30.740 -4.550 2.127  2.645 17.975 -1.587 
32.250 4 AA_DG4DG5:DC16DC17_BB  A 4 ? B 17 ? A 5  ? B 16 ? 
1 A DG 5 1_555 B DC 6  1_555 A DC 6  1_555 B DG 5 1_555 0.741  -1.040 3.087 -0.722 12.077 33.443 -3.278 -1.308 2.555 20.184 1.206  
35.505 5 AA_DG5DC6:DG15DC16_BB  A 5 ? B 16 ? A 6  ? B 15 ? 
1 A DC 6 1_555 B DG 5  1_555 A DC 7  1_555 B DG 4 1_555 -1.050 -1.912 3.064 -3.718 11.091 24.743 -6.360 1.446  2.155 24.229 8.123  
27.330 6 AA_DC6DC7:DG14DG15_BB  A 6 ? B 15 ? A 7  ? B 14 ? 
1 A DC 7 1_555 B DG 4  1_555 A DC 8  1_555 B DG 3 1_555 1.297  -1.390 3.209 5.196  6.870  36.847 -3.004 -1.352 3.059 10.691 -8.085 
37.806 7 AA_DC7DC8:DG13DG14_BB  A 7 ? B 14 ? A 8  ? B 13 ? 
1 A DC 8 1_555 B DG 3  1_555 A DG 9  1_555 B DC 2 1_555 0.070  -2.151 3.591 -1.678 7.884  24.572 -7.000 -0.622 2.767 17.919 3.813  
25.841 8 AA_DC8DG9:DC12DG13_BB  A 8 ? B 13 ? A 9  ? B 12 ? 
1 A DG 9 1_555 B DC 2  1_555 A DG 10 1_555 B DC 1 1_555 -0.599 -1.618 3.059 0.397  3.001  36.695 -2.936 0.998  2.915 4.757  -0.629 
36.816 9 AA_DG9DG10:DC11DC12_BB A 9 ? B 12 ? A 10 ? B 11 ? 
# 
_pdbx_initial_refinement_model.accession_code   321D 
_pdbx_initial_refinement_model.id               1 
_pdbx_initial_refinement_model.entity_id_list   ? 
_pdbx_initial_refinement_model.type             'experimental model' 
_pdbx_initial_refinement_model.source_name      PDB 
_pdbx_initial_refinement_model.details          'NDB ENTRY ADJ082' 
# 
_atom_sites.entry_id                    1ZF1 
_atom_sites.fract_transf_matrix[1][1]   -0.02305093 
_atom_sites.fract_transf_matrix[1][2]   -0.03308455 
_atom_sites.fract_transf_matrix[1][3]   -0.00010682 
_atom_sites.fract_transf_matrix[2][1]   -0.01554579 
_atom_sites.fract_transf_matrix[2][2]   0.01079166 
_atom_sites.fract_transf_matrix[2][3]   0.01224050 
_atom_sites.fract_transf_matrix[3][1]   -0.00960758 
_atom_sites.fract_transf_matrix[3][2]   0.00675249 
_atom_sites.fract_transf_matrix[3][3]   -0.01815514 
_atom_sites.fract_transf_vector[1]      0.380312 
_atom_sites.fract_transf_vector[2]      0.966674 
_atom_sites.fract_transf_vector[3]      0.767155 
# 
loop_
_atom_type.symbol 
C 
N 
O 
P 
# 
loop_
_atom_site.group_PDB 
_atom_site.id 
_atom_site.type_symbol 
_atom_site.label_atom_id 
_atom_site.label_alt_id 
_atom_site.label_comp_id 
_atom_site.label_asym_id 
_atom_site.label_entity_id 
_atom_site.label_seq_id 
_atom_site.pdbx_PDB_ins_code 
_atom_site.Cartn_x 
_atom_site.Cartn_y 
_atom_site.Cartn_z 
_atom_site.occupancy 
_atom_site.B_iso_or_equiv 
_atom_site.pdbx_formal_charge 
_atom_site.auth_seq_id 
_atom_site.auth_comp_id 
_atom_site.auth_asym_id 
_atom_site.auth_atom_id 
_atom_site.pdbx_PDB_model_num 
ATOM   1   O "O5'" . DC  A 1 1  ? -1.318  13.940  -2.810  1.00 14.57 ? 1   DC  A "O5'" 1 
ATOM   2   C "C5'" . DC  A 1 1  ? -2.539  14.676  -3.034  1.00 14.00 ? 1   DC  A "C5'" 1 
ATOM   3   C "C4'" . DC  A 1 1  ? -3.253  14.019  -4.194  1.00 13.17 ? 1   DC  A "C4'" 1 
ATOM   4   O "O4'" . DC  A 1 1  ? -2.367  14.125  -5.351  1.00 12.94 ? 1   DC  A "O4'" 1 
ATOM   5   C "C3'" . DC  A 1 1  ? -3.477  12.519  -3.954  1.00 12.69 ? 1   DC  A "C3'" 1 
ATOM   6   O "O3'" . DC  A 1 1  ? -4.802  12.062  -4.139  1.00 11.77 ? 1   DC  A "O3'" 1 
ATOM   7   C "C2'" . DC  A 1 1  ? -2.636  11.831  -4.990  1.00 13.24 ? 1   DC  A "C2'" 1 
ATOM   8   C "C1'" . DC  A 1 1  ? -2.284  12.868  -6.023  1.00 12.64 ? 1   DC  A "C1'" 1 
ATOM   9   N N1    . DC  A 1 1  ? -0.877  12.548  -6.304  1.00 11.59 ? 1   DC  A N1    1 
ATOM   10  C C2    . DC  A 1 1  ? -0.586  11.774  -7.426  1.00 10.86 ? 1   DC  A C2    1 
ATOM   11  O O2    . DC  A 1 1  ? -1.487  11.575  -8.276  1.00 10.72 ? 1   DC  A O2    1 
ATOM   12  N N3    . DC  A 1 1  ? 0.671   11.246  -7.549  1.00 10.64 ? 1   DC  A N3    1 
ATOM   13  C C4    . DC  A 1 1  ? 1.596   11.499  -6.616  1.00 11.40 ? 1   DC  A C4    1 
ATOM   14  N N4    . DC  A 1 1  ? 2.776   10.911  -6.737  1.00 11.11 ? 1   DC  A N4    1 
ATOM   15  C C5    . DC  A 1 1  ? 1.338   12.367  -5.518  1.00 11.10 ? 1   DC  A C5    1 
ATOM   16  C C6    . DC  A 1 1  ? 0.113   12.886  -5.421  1.00 11.17 ? 1   DC  A C6    1 
ATOM   17  P P     . DC  A 1 2  ? -5.114  10.513  -3.908  1.00 11.22 ? 2   DC  A P     1 
ATOM   18  O OP1   . DC  A 1 2  ? -6.505  10.381  -3.428  1.00 11.85 ? 2   DC  A OP1   1 
ATOM   19  O OP2   . DC  A 1 2  ? -4.016  9.854   -3.115  1.00 11.25 ? 2   DC  A OP2   1 
ATOM   20  O "O5'" . DC  A 1 2  ? -5.007  9.894   -5.366  1.00 11.36 ? 2   DC  A "O5'" 1 
ATOM   21  C "C5'" . DC  A 1 2  ? -5.934  10.272  -6.380  1.00 10.62 ? 2   DC  A "C5'" 1 
ATOM   22  C "C4'" . DC  A 1 2  ? -5.740  9.426   -7.618  1.00 8.82  ? 2   DC  A "C4'" 1 
ATOM   23  O "O4'" . DC  A 1 2  ? -4.422  9.771   -8.151  1.00 7.82  ? 2   DC  A "O4'" 1 
ATOM   24  C "C3'" . DC  A 1 2  ? -5.667  7.930   -7.357  1.00 9.43  ? 2   DC  A "C3'" 1 
ATOM   25  O "O3'" . DC  A 1 2  ? -6.875  7.214   -7.507  1.00 9.47  ? 2   DC  A "O3'" 1 
ATOM   26  C "C2'" . DC  A 1 2  ? -4.682  7.427   -8.395  1.00 8.38  ? 2   DC  A "C2'" 1 
ATOM   27  C "C1'" . DC  A 1 2  ? -3.823  8.620   -8.737  1.00 6.37  ? 2   DC  A "C1'" 1 
ATOM   28  N N1    . DC  A 1 2  ? -2.531  8.404   -8.073  1.00 4.49  ? 2   DC  A N1    1 
ATOM   29  C C2    . DC  A 1 2  ? -1.559  7.643   -8.743  1.00 2.32  ? 2   DC  A C2    1 
ATOM   30  O O2    . DC  A 1 2  ? -1.848  7.141   -9.841  1.00 3.53  ? 2   DC  A O2    1 
ATOM   31  N N3    . DC  A 1 2  ? -0.352  7.449   -8.135  1.00 3.15  ? 2   DC  A N3    1 
ATOM   32  C C4    . DC  A 1 2  ? -0.134  7.925   -6.902  1.00 4.42  ? 2   DC  A C4    1 
ATOM   33  N N4    . DC  A 1 2  ? 1.026   7.669   -6.314  1.00 5.15  ? 2   DC  A N4    1 
ATOM   34  C C5    . DC  A 1 2  ? -1.110  8.667   -6.204  1.00 3.80  ? 2   DC  A C5    1 
ATOM   35  C C6    . DC  A 1 2  ? -2.277  8.899   -6.828  1.00 4.09  ? 2   DC  A C6    1 
ATOM   36  P P     . DG  A 1 3  ? -7.043  5.816   -6.696  1.00 9.97  ? 3   DG  A P     1 
ATOM   37  O OP1   . DG  A 1 3  ? -8.406  5.228   -6.917  1.00 8.08  ? 3   DG  A OP1   1 
ATOM   38  O OP2   . DG  A 1 3  ? -6.512  5.980   -5.319  1.00 9.69  ? 3   DG  A OP2   1 
ATOM   39  O "O5'" . DG  A 1 3  ? -6.057  4.823   -7.450  1.00 8.11  ? 3   DG  A "O5'" 1 
ATOM   40  C "C5'" . DG  A 1 3  ? -6.365  4.471   -8.766  1.00 6.99  ? 3   DG  A "C5'" 1 
ATOM   41  C "C4'" . DG  A 1 3  ? -5.358  3.500   -9.294  1.00 5.73  ? 3   DG  A "C4'" 1 
ATOM   42  O "O4'" . DG  A 1 3  ? -4.135  4.214   -9.537  1.00 5.53  ? 3   DG  A "O4'" 1 
ATOM   43  C "C3'" . DG  A 1 3  ? -4.974  2.384   -8.350  1.00 6.18  ? 3   DG  A "C3'" 1 
ATOM   44  O "O3'" . DG  A 1 3  ? -5.848  1.280   -8.510  1.00 5.40  ? 3   DG  A "O3'" 1 
ATOM   45  C "C2'" . DG  A 1 3  ? -3.590  2.019   -8.857  1.00 6.78  ? 3   DG  A "C2'" 1 
ATOM   46  C "C1'" . DG  A 1 3  ? -3.036  3.309   -9.442  1.00 5.24  ? 3   DG  A "C1'" 1 
ATOM   47  N N9    . DG  A 1 3  ? -2.077  3.781   -8.447  1.00 3.63  ? 3   DG  A N9    1 
ATOM   48  C C8    . DG  A 1 3  ? -2.254  4.636   -7.394  1.00 3.30  ? 3   DG  A C8    1 
ATOM   49  N N7    . DG  A 1 3  ? -1.233  4.691   -6.588  1.00 3.01  ? 3   DG  A N7    1 
ATOM   50  C C5    . DG  A 1 3  ? -0.293  3.855   -7.182  1.00 3.12  ? 3   DG  A C5    1 
ATOM   51  C C6    . DG  A 1 3  ? 0.986   3.472   -6.738  1.00 2.34  ? 3   DG  A C6    1 
ATOM   52  O O6    . DG  A 1 3  ? 1.544   3.817   -5.731  1.00 3.37  ? 3   DG  A O6    1 
ATOM   53  N N1    . DG  A 1 3  ? 1.575   2.554   -7.622  1.00 1.69  ? 3   DG  A N1    1 
ATOM   54  C C2    . DG  A 1 3  ? 0.967   2.039   -8.749  1.00 1.81  ? 3   DG  A C2    1 
ATOM   55  N N2    . DG  A 1 3  ? 1.661   1.120   -9.448  1.00 2.15  ? 3   DG  A N2    1 
ATOM   56  N N3    . DG  A 1 3  ? -0.252  2.390   -9.165  1.00 2.65  ? 3   DG  A N3    1 
ATOM   57  C C4    . DG  A 1 3  ? -0.802  3.295   -8.339  1.00 2.97  ? 3   DG  A C4    1 
ATOM   58  P P     . DG  A 1 4  ? -5.814  0.102   -7.398  1.00 6.05  ? 4   DG  A P     1 
ATOM   59  O OP1   . DG  A 1 4  ? -6.952  -0.793  -7.644  1.00 8.29  ? 4   DG  A OP1   1 
ATOM   60  O OP2   . DG  A 1 4  ? -5.628  0.746   -6.084  1.00 7.36  ? 4   DG  A OP2   1 
ATOM   61  O "O5'" . DG  A 1 4  ? -4.476  -0.709  -7.713  1.00 5.32  ? 4   DG  A "O5'" 1 
ATOM   62  C "C5'" . DG  A 1 4  ? -4.319  -1.334  -8.968  1.00 5.54  ? 4   DG  A "C5'" 1 
ATOM   63  C "C4'" . DG  A 1 4  ? -2.993  -2.043  -9.045  1.00 5.38  ? 4   DG  A "C4'" 1 
ATOM   64  O "O4'" . DG  A 1 4  ? -1.981  -1.021  -8.912  1.00 6.09  ? 4   DG  A "O4'" 1 
ATOM   65  C "C3'" . DG  A 1 4  ? -2.743  -2.924  -7.844  1.00 4.76  ? 4   DG  A "C3'" 1 
ATOM   66  O "O3'" . DG  A 1 4  ? -3.161  -4.250  -8.001  1.00 6.03  ? 4   DG  A "O3'" 1 
ATOM   67  C "C2'" . DG  A 1 4  ? -1.246  -2.887  -7.658  1.00 5.52  ? 4   DG  A "C2'" 1 
ATOM   68  C "C1'" . DG  A 1 4  ? -0.829  -1.577  -8.285  1.00 5.30  ? 4   DG  A "C1'" 1 
ATOM   69  N N9    . DG  A 1 4  ? -0.454  -0.753  -7.142  1.00 4.86  ? 4   DG  A N9    1 
ATOM   70  C C8    . DG  A 1 4  ? -1.193  0.180   -6.431  1.00 4.81  ? 4   DG  A C8    1 
ATOM   71  N N7    . DG  A 1 4  ? -0.531  0.696   -5.418  1.00 5.39  ? 4   DG  A N7    1 
ATOM   72  C C5    . DG  A 1 4  ? 0.712   0.067   -5.466  1.00 4.07  ? 4   DG  A C5    1 
ATOM   73  C C6    . DG  A 1 4  ? 1.894   0.233   -4.643  1.00 3.57  ? 4   DG  A C6    1 
ATOM   74  O O6    . DG  A 1 4  ? 2.076   0.962   -3.688  1.00 3.63  ? 4   DG  A O6    1 
ATOM   75  N N1    . DG  A 1 4  ? 2.929   -0.574  -5.067  1.00 2.86  ? 4   DG  A N1    1 
ATOM   76  C C2    . DG  A 1 4  ? 2.874   -1.423  -6.134  1.00 2.82  ? 4   DG  A C2    1 
ATOM   77  N N2    . DG  A 1 4  ? 3.988   -2.121  -6.396  1.00 2.85  ? 4   DG  A N2    1 
ATOM   78  N N3    . DG  A 1 4  ? 1.803   -1.601  -6.913  1.00 3.03  ? 4   DG  A N3    1 
ATOM   79  C C4    . DG  A 1 4  ? 0.771   -0.822  -6.524  1.00 4.17  ? 4   DG  A C4    1 
ATOM   80  P P     . DG  A 1 5  ? -3.348  -5.150  -6.704  1.00 5.86  ? 5   DG  A P     1 
ATOM   81  O OP1   . DG  A 1 5  ? -4.262  -6.255  -7.180  1.00 5.63  ? 5   DG  A OP1   1 
ATOM   82  O OP2   . DG  A 1 5  ? -3.621  -4.469  -5.449  1.00 7.13  ? 5   DG  A OP2   1 
ATOM   83  O "O5'" . DG  A 1 5  ? -1.953  -5.872  -6.392  1.00 3.75  ? 5   DG  A "O5'" 1 
ATOM   84  C "C5'" . DG  A 1 5  ? -1.258  -6.562  -7.407  1.00 3.58  ? 5   DG  A "C5'" 1 
ATOM   85  C "C4'" . DG  A 1 5  ? 0.042   -7.140  -6.884  1.00 4.32  ? 5   DG  A "C4'" 1 
ATOM   86  O "O4'" . DG  A 1 5  ? 0.954   -6.039  -6.850  1.00 3.50  ? 5   DG  A "O4'" 1 
ATOM   87  C "C3'" . DG  A 1 5  ? 0.034   -7.662  -5.453  1.00 3.59  ? 5   DG  A "C3'" 1 
ATOM   88  O "O3'" . DG  A 1 5  ? -0.316  -9.030  -5.408  1.00 5.30  ? 5   DG  A "O3'" 1 
ATOM   89  C "C2'" . DG  A 1 5  ? 1.470   -7.414  -4.986  1.00 3.43  ? 5   DG  A "C2'" 1 
ATOM   90  C "C1'" . DG  A 1 5  ? 1.873   -6.164  -5.744  1.00 4.36  ? 5   DG  A "C1'" 1 
ATOM   91  N N9    . DG  A 1 5  ? 1.704   -5.016  -4.853  1.00 3.35  ? 5   DG  A N9    1 
ATOM   92  C C8    . DG  A 1 5  ? 0.577   -4.247  -4.685  1.00 3.43  ? 5   DG  A C8    1 
ATOM   93  N N7    . DG  A 1 5  ? 0.732   -3.286  -3.809  1.00 2.98  ? 5   DG  A N7    1 
ATOM   94  C C5    . DG  A 1 5  ? 2.039   -3.448  -3.351  1.00 1.98  ? 5   DG  A C5    1 
ATOM   95  C C6    . DG  A 1 5  ? 2.775   -2.719  -2.368  1.00 3.22  ? 5   DG  A C6    1 
ATOM   96  O O6    . DG  A 1 5  ? 2.445   -1.720  -1.727  1.00 3.98  ? 5   DG  A O6    1 
ATOM   97  N N1    . DG  A 1 5  ? 4.034   -3.280  -2.173  1.00 2.56  ? 5   DG  A N1    1 
ATOM   98  C C2    . DG  A 1 5  ? 4.552   -4.347  -2.835  1.00 1.46  ? 5   DG  A C2    1 
ATOM   99  N N2    . DG  A 1 5  ? 5.815   -4.782  -2.488  1.00 2.77  ? 5   DG  A N2    1 
ATOM   100 N N3    . DG  A 1 5  ? 3.888   -4.992  -3.807  1.00 2.50  ? 5   DG  A N3    1 
ATOM   101 C C4    . DG  A 1 5  ? 2.655   -4.504  -3.991  1.00 2.48  ? 5   DG  A C4    1 
ATOM   102 P P     . DC  A 1 6  ? -1.181  -9.543  -4.171  1.00 6.18  ? 6   DC  A P     1 
ATOM   103 O OP1   . DC  A 1 6  ? -1.484  -10.980 -4.485  1.00 6.77  ? 6   DC  A OP1   1 
ATOM   104 O OP2   . DC  A 1 6  ? -2.236  -8.622  -3.752  1.00 8.25  ? 6   DC  A OP2   1 
ATOM   105 O "O5'" . DC  A 1 6  ? -0.144  -9.565  -2.935  1.00 5.17  ? 6   DC  A "O5'" 1 
ATOM   106 C "C5'" . DC  A 1 6  ? 0.976   -10.425 -3.025  1.00 5.36  ? 6   DC  A "C5'" 1 
ATOM   107 C "C4'" . DC  A 1 6  ? 2.006   -10.132 -1.969  1.00 4.79  ? 6   DC  A "C4'" 1 
ATOM   108 O "O4'" . DC  A 1 6  ? 2.514   -8.812  -2.233  1.00 4.06  ? 6   DC  A "O4'" 1 
ATOM   109 C "C3'" . DC  A 1 6  ? 1.474   -10.044 -0.558  1.00 4.55  ? 6   DC  A "C3'" 1 
ATOM   110 O "O3'" . DC  A 1 6  ? 1.373   -11.329 0.029   1.00 4.28  ? 6   DC  A "O3'" 1 
ATOM   111 C "C2'" . DC  A 1 6  ? 2.495   -9.143  0.110   1.00 2.94  ? 6   DC  A "C2'" 1 
ATOM   112 C "C1'" . DC  A 1 6  ? 2.890   -8.194  -1.001  1.00 3.12  ? 6   DC  A "C1'" 1 
ATOM   113 N N1    . DC  A 1 6  ? 2.131   -6.944  -0.829  1.00 2.83  ? 6   DC  A N1    1 
ATOM   114 C C2    . DC  A 1 6  ? 2.665   -5.979  0.018   1.00 2.35  ? 6   DC  A C2    1 
ATOM   115 O O2    . DC  A 1 6  ? 3.700   -6.241  0.605   1.00 3.57  ? 6   DC  A O2    1 
ATOM   116 N N3    . DC  A 1 6  ? 2.021   -4.806  0.185   1.00 1.29  ? 6   DC  A N3    1 
ATOM   117 C C4    . DC  A 1 6  ? 0.837   -4.629  -0.416  1.00 1.44  ? 6   DC  A C4    1 
ATOM   118 N N4    . DC  A 1 6  ? 0.209   -3.497  -0.165  1.00 1.00  ? 6   DC  A N4    1 
ATOM   119 C C5    . DC  A 1 6  ? 0.258   -5.630  -1.275  1.00 1.85  ? 6   DC  A C5    1 
ATOM   120 C C6    . DC  A 1 6  ? 0.934   -6.731  -1.465  1.00 2.03  ? 6   DC  A C6    1 
ATOM   121 P P     . DC  A 1 7  ? 0.457   -11.529 1.309   1.00 6.00  ? 7   DC  A P     1 
ATOM   122 O OP1   . DC  A 1 7  ? 0.448   -13.035 1.561   1.00 6.32  ? 7   DC  A OP1   1 
ATOM   123 O OP2   . DC  A 1 7  ? -0.798  -10.789 1.183   1.00 6.42  ? 7   DC  A OP2   1 
ATOM   124 O "O5'" . DC  A 1 7  ? 1.309   -10.794 2.439   1.00 5.27  ? 7   DC  A "O5'" 1 
ATOM   125 C "C5'" . DC  A 1 7  ? 2.581   -11.358 2.846   1.00 5.37  ? 7   DC  A "C5'" 1 
ATOM   126 C "C4'" . DC  A 1 7  ? 3.143   -10.608 4.025   1.00 5.77  ? 7   DC  A "C4'" 1 
ATOM   127 O "O4'" . DC  A 1 7  ? 3.403   -9.296  3.484   1.00 6.02  ? 7   DC  A "O4'" 1 
ATOM   128 C "C3'" . DC  A 1 7  ? 2.150   -10.350 5.151   1.00 6.64  ? 7   DC  A "C3'" 1 
ATOM   129 O "O3'" . DC  A 1 7  ? 2.098   -11.337 6.175   1.00 8.16  ? 7   DC  A "O3'" 1 
ATOM   130 C "C2'" . DC  A 1 7  ? 2.622   -9.018  5.699   1.00 7.11  ? 7   DC  A "C2'" 1 
ATOM   131 C "C1'" . DC  A 1 7  ? 3.310   -8.327  4.512   1.00 5.06  ? 7   DC  A "C1'" 1 
ATOM   132 N N1    . DC  A 1 7  ? 2.422   -7.254  4.040   1.00 2.67  ? 7   DC  A N1    1 
ATOM   133 C C2    . DC  A 1 7  ? 2.525   -5.998  4.664   1.00 2.77  ? 7   DC  A C2    1 
ATOM   134 O O2    . DC  A 1 7  ? 3.414   -5.841  5.513   1.00 2.24  ? 7   DC  A O2    1 
ATOM   135 N N3    . DC  A 1 7  ? 1.657   -5.012  4.328   1.00 1.56  ? 7   DC  A N3    1 
ATOM   136 C C4    . DC  A 1 7  ? 0.724   -5.226  3.402   1.00 1.40  ? 7   DC  A C4    1 
ATOM   137 N N4    . DC  A 1 7  ? -0.091  -4.210  3.077   1.00 1.76  ? 7   DC  A N4    1 
ATOM   138 C C5    . DC  A 1 7  ? 0.591   -6.492  2.757   1.00 1.24  ? 7   DC  A C5    1 
ATOM   139 C C6    . DC  A 1 7  ? 1.479   -7.457  3.084   1.00 2.08  ? 7   DC  A C6    1 
ATOM   140 P P     . DC  A 1 8  ? 0.704   -11.601 6.922   1.00 9.31  ? 8   DC  A P     1 
ATOM   141 O OP1   . DC  A 1 8  ? 0.826   -12.817 7.790   1.00 10.80 ? 8   DC  A OP1   1 
ATOM   142 O OP2   . DC  A 1 8  ? -0.437  -11.507 5.969   1.00 9.98  ? 8   DC  A OP2   1 
ATOM   143 O "O5'" . DC  A 1 8  ? 0.554   -10.350 7.898   1.00 8.53  ? 8   DC  A "O5'" 1 
ATOM   144 C "C5'" . DC  A 1 8  ? 1.574   -10.125 8.830   1.00 8.74  ? 8   DC  A "C5'" 1 
ATOM   145 C "C4'" . DC  A 1 8  ? 1.372   -8.822  9.564   1.00 7.20  ? 8   DC  A "C4'" 1 
ATOM   146 O "O4'" . DC  A 1 8  ? 1.691   -7.782  8.597   1.00 6.13  ? 8   DC  A "O4'" 1 
ATOM   147 C "C3'" . DC  A 1 8  ? -0.033  -8.480  10.075  1.00 7.48  ? 8   DC  A "C3'" 1 
ATOM   148 O "O3'" . DC  A 1 8  ? -0.296  -8.894  11.417  1.00 9.95  ? 8   DC  A "O3'" 1 
ATOM   149 C "C2'" . DC  A 1 8  ? -0.067  -6.957  9.993   1.00 6.47  ? 8   DC  A "C2'" 1 
ATOM   150 C "C1'" . DC  A 1 8  ? 0.919   -6.614  8.888   1.00 4.64  ? 8   DC  A "C1'" 1 
ATOM   151 N N1    . DC  A 1 8  ? 0.073   -6.275  7.725   1.00 3.64  ? 8   DC  A N1    1 
ATOM   152 C C2    . DC  A 1 8  ? -0.311  -4.958  7.600   1.00 3.59  ? 8   DC  A C2    1 
ATOM   153 O O2    . DC  A 1 8  ? 0.164   -4.115  8.397   1.00 4.04  ? 8   DC  A O2    1 
ATOM   154 N N3    . DC  A 1 8  ? -1.176  -4.605  6.636   1.00 3.29  ? 8   DC  A N3    1 
ATOM   155 C C4    . DC  A 1 8  ? -1.653  -5.524  5.796   1.00 3.39  ? 8   DC  A C4    1 
ATOM   156 N N4    . DC  A 1 8  ? -2.533  -5.134  4.920   1.00 2.18  ? 8   DC  A N4    1 
ATOM   157 C C5    . DC  A 1 8  ? -1.253  -6.877  5.864   1.00 3.66  ? 8   DC  A C5    1 
ATOM   158 C C6    . DC  A 1 8  ? -0.385  -7.217  6.822   1.00 3.49  ? 8   DC  A C6    1 
ATOM   159 P P     . DG  A 1 9  ? -1.818  -9.000  11.912  1.00 11.73 ? 9   DG  A P     1 
ATOM   160 O OP1   . DG  A 1 9  ? -1.801  -9.733  13.232  1.00 11.88 ? 9   DG  A OP1   1 
ATOM   161 O OP2   . DG  A 1 9  ? -2.753  -9.390  10.824  1.00 11.51 ? 9   DG  A OP2   1 
ATOM   162 O "O5'" . DG  A 1 9  ? -2.234  -7.512  12.217  1.00 8.76  ? 9   DG  A "O5'" 1 
ATOM   163 C "C5'" . DG  A 1 9  ? -1.541  -6.789  13.189  1.00 7.31  ? 9   DG  A "C5'" 1 
ATOM   164 C "C4'" . DG  A 1 9  ? -1.974  -5.360  13.134  1.00 4.84  ? 9   DG  A "C4'" 1 
ATOM   165 O "O4'" . DG  A 1 9  ? -1.737  -4.965  11.763  1.00 5.44  ? 9   DG  A "O4'" 1 
ATOM   166 C "C3'" . DG  A 1 9  ? -3.470  -5.152  13.280  1.00 4.82  ? 9   DG  A "C3'" 1 
ATOM   167 O "O3'" . DG  A 1 9  ? -3.849  -4.944  14.627  1.00 3.86  ? 9   DG  A "O3'" 1 
ATOM   168 C "C2'" . DG  A 1 9  ? -3.660  -3.836  12.567  1.00 4.23  ? 9   DG  A "C2'" 1 
ATOM   169 C "C1'" . DG  A 1 9  ? -2.657  -3.929  11.441  1.00 4.64  ? 9   DG  A "C1'" 1 
ATOM   170 N N9    . DG  A 1 9  ? -3.369  -4.272  10.206  1.00 3.77  ? 9   DG  A N9    1 
ATOM   171 C C8    . DG  A 1 9  ? -3.385  -5.438  9.470   1.00 3.61  ? 9   DG  A C8    1 
ATOM   172 N N7    . DG  A 1 9  ? -4.142  -5.337  8.397   1.00 4.33  ? 9   DG  A N7    1 
ATOM   173 C C5    . DG  A 1 9  ? -4.637  -4.047  8.426   1.00 2.85  ? 9   DG  A C5    1 
ATOM   174 C C6    . DG  A 1 9  ? -5.493  -3.355  7.508   1.00 2.73  ? 9   DG  A C6    1 
ATOM   175 O O6    . DG  A 1 9  ? -5.928  -3.703  6.421   1.00 2.92  ? 9   DG  A O6    1 
ATOM   176 N N1    . DG  A 1 9  ? -5.811  -2.092  7.946   1.00 1.90  ? 9   DG  A N1    1 
ATOM   177 C C2    . DG  A 1 9  ? -5.343  -1.529  9.126   1.00 1.42  ? 9   DG  A C2    1 
ATOM   178 N N2    . DG  A 1 9  ? -5.786  -0.325  9.403   1.00 1.00  ? 9   DG  A N2    1 
ATOM   179 N N3    . DG  A 1 9  ? -4.497  -2.127  9.946   1.00 1.33  ? 9   DG  A N3    1 
ATOM   180 C C4    . DG  A 1 9  ? -4.201  -3.382  9.538   1.00 1.88  ? 9   DG  A C4    1 
ATOM   181 P P     . DG  A 1 10 ? -5.377  -5.097  15.026  1.00 3.65  ? 10  DG  A P     1 
ATOM   182 O OP1   . DG  A 1 10 ? -5.379  -5.224  16.537  1.00 4.80  ? 10  DG  A OP1   1 
ATOM   183 O OP2   . DG  A 1 10 ? -6.114  -6.075  14.190  1.00 3.50  ? 10  DG  A OP2   1 
ATOM   184 O "O5'" . DG  A 1 10 ? -5.974  -3.692  14.639  1.00 3.25  ? 10  DG  A "O5'" 1 
ATOM   185 C "C5'" . DG  A 1 10 ? -5.564  -2.515  15.293  1.00 3.38  ? 10  DG  A "C5'" 1 
ATOM   186 C "C4'" . DG  A 1 10 ? -6.526  -1.405  14.968  1.00 3.15  ? 10  DG  A "C4'" 1 
ATOM   187 O "O4'" . DG  A 1 10 ? -6.445  -1.153  13.527  1.00 4.50  ? 10  DG  A "O4'" 1 
ATOM   188 C "C3'" . DG  A 1 10 ? -8.002  -1.731  15.237  1.00 5.46  ? 10  DG  A "C3'" 1 
ATOM   189 O "O3'" . DG  A 1 10 ? -8.603  -1.415  16.499  1.00 6.08  ? 10  DG  A "O3'" 1 
ATOM   190 C "C2'" . DG  A 1 10 ? -8.789  -1.124  14.080  1.00 5.24  ? 10  DG  A "C2'" 1 
ATOM   191 C "C1'" . DG  A 1 10 ? -7.747  -0.852  12.991  1.00 3.65  ? 10  DG  A "C1'" 1 
ATOM   192 N N9    . DG  A 1 10 ? -7.944  -1.773  11.876  1.00 3.20  ? 10  DG  A N9    1 
ATOM   193 C C8    . DG  A 1 10 ? -7.415  -3.039  11.765  1.00 2.30  ? 10  DG  A C8    1 
ATOM   194 N N7    . DG  A 1 10 ? -7.631  -3.597  10.617  1.00 3.04  ? 10  DG  A N7    1 
ATOM   195 C C5    . DG  A 1 10 ? -8.407  -2.672  9.939   1.00 3.52  ? 10  DG  A C5    1 
ATOM   196 C C6    . DG  A 1 10 ? -8.952  -2.724  8.631   1.00 3.56  ? 10  DG  A C6    1 
ATOM   197 O O6    . DG  A 1 10 ? -8.896  -3.611  7.810   1.00 5.07  ? 10  DG  A O6    1 
ATOM   198 N N1    . DG  A 1 10 ? -9.649  -1.575  8.334   1.00 3.02  ? 10  DG  A N1    1 
ATOM   199 C C2    . DG  A 1 10 ? -9.834  -0.499  9.180   1.00 3.09  ? 10  DG  A C2    1 
ATOM   200 N N2    . DG  A 1 10 ? -10.605 0.519   8.731   1.00 1.99  ? 10  DG  A N2    1 
ATOM   201 N N3    . DG  A 1 10 ? -9.320  -0.438  10.405  1.00 3.10  ? 10  DG  A N3    1 
ATOM   202 C C4    . DG  A 1 10 ? -8.635  -1.550  10.714  1.00 2.76  ? 10  DG  A C4    1 
ATOM   203 O "O5'" . DC  B 1 1  ? -12.724 0.107   0.268   1.00 11.90 ? 11  DC  B "O5'" 1 
ATOM   204 C "C5'" . DC  B 1 1  ? -13.760 1.078   0.469   1.00 11.17 ? 11  DC  B "C5'" 1 
ATOM   205 C "C4'" . DC  B 1 1  ? -13.627 1.779   1.799   1.00 10.99 ? 11  DC  B "C4'" 1 
ATOM   206 O "O4'" . DC  B 1 1  ? -13.943 0.815   2.824   1.00 10.06 ? 11  DC  B "O4'" 1 
ATOM   207 C "C3'" . DC  B 1 1  ? -12.211 2.270   2.109   1.00 10.18 ? 11  DC  B "C3'" 1 
ATOM   208 O "O3'" . DC  B 1 1  ? -12.010 3.647   1.896   1.00 10.79 ? 11  DC  B "O3'" 1 
ATOM   209 C "C2'" . DC  B 1 1  ? -12.023 1.988   3.583   1.00 10.72 ? 11  DC  B "C2'" 1 
ATOM   210 C "C1'" . DC  B 1 1  ? -13.067 0.977   3.943   1.00 8.29  ? 11  DC  B "C1'" 1 
ATOM   211 N N1    . DC  B 1 1  ? -12.321 -0.274  4.181   1.00 6.51  ? 11  DC  B N1    1 
ATOM   212 C C2    . DC  B 1 1  ? -11.664 -0.384  5.427   1.00 5.69  ? 11  DC  B C2    1 
ATOM   213 O O2    . DC  B 1 1  ? -11.788 0.548   6.246   1.00 5.56  ? 11  DC  B O2    1 
ATOM   214 N N3    . DC  B 1 1  ? -10.945 -1.493  5.713   1.00 5.22  ? 11  DC  B N3    1 
ATOM   215 C C4    . DC  B 1 1  ? -10.878 -2.486  4.839   1.00 5.76  ? 11  DC  B C4    1 
ATOM   216 N N4    . DC  B 1 1  ? -10.204 -3.574  5.178   1.00 5.27  ? 11  DC  B N4    1 
ATOM   217 C C5    . DC  B 1 1  ? -11.519 -2.408  3.548   1.00 5.91  ? 11  DC  B C5    1 
ATOM   218 C C6    . DC  B 1 1  ? -12.229 -1.293  3.270   1.00 6.50  ? 11  DC  B C6    1 
ATOM   219 P P     . DC  B 1 2  ? -10.524 4.179   1.637   1.00 10.44 ? 12  DC  B P     1 
ATOM   220 O OP1   . DC  B 1 2  ? -10.698 5.490   0.971   1.00 12.30 ? 12  DC  B OP1   1 
ATOM   221 O OP2   . DC  B 1 2  ? -9.799  3.099   0.952   1.00 11.65 ? 12  DC  B OP2   1 
ATOM   222 O "O5'" . DC  B 1 2  ? -9.905  4.250   3.114   1.00 8.92  ? 12  DC  B "O5'" 1 
ATOM   223 C "C5'" . DC  B 1 2  ? -10.530 5.040   4.107   1.00 6.83  ? 12  DC  B "C5'" 1 
ATOM   224 C "C4'" . DC  B 1 2  ? -9.851  4.852   5.441   1.00 7.43  ? 12  DC  B "C4'" 1 
ATOM   225 O "O4'" . DC  B 1 2  ? -10.065 3.497   5.895   1.00 5.16  ? 12  DC  B "O4'" 1 
ATOM   226 C "C3'" . DC  B 1 2  ? -8.350  5.017   5.404   1.00 7.61  ? 12  DC  B "C3'" 1 
ATOM   227 O "O3'" . DC  B 1 2  ? -7.963  6.332   5.743   1.00 8.77  ? 12  DC  B "O3'" 1 
ATOM   228 C "C2'" . DC  B 1 2  ? -7.869  4.036   6.459   1.00 7.02  ? 12  DC  B "C2'" 1 
ATOM   229 C "C1'" . DC  B 1 2  ? -8.958  3.002   6.604   1.00 5.27  ? 12  DC  B "C1'" 1 
ATOM   230 N N1    . DC  B 1 2  ? -8.503  1.745   5.958   1.00 3.46  ? 12  DC  B N1    1 
ATOM   231 C C2    . DC  B 1 2  ? -7.761  0.887   6.708   1.00 4.49  ? 12  DC  B C2    1 
ATOM   232 O O2    . DC  B 1 2  ? -7.425  1.284   7.834   1.00 4.10  ? 12  DC  B O2    1 
ATOM   233 N N3    . DC  B 1 2  ? -7.407  -0.308  6.227   1.00 3.89  ? 12  DC  B N3    1 
ATOM   234 C C4    . DC  B 1 2  ? -7.715  -0.638  4.983   1.00 4.79  ? 12  DC  B C4    1 
ATOM   235 N N4    . DC  B 1 2  ? -7.322  -1.846  4.559   1.00 4.16  ? 12  DC  B N4    1 
ATOM   236 C C5    . DC  B 1 2  ? -8.443  0.251   4.132   1.00 5.00  ? 12  DC  B C5    1 
ATOM   237 C C6    . DC  B 1 2  ? -8.828  1.427   4.663   1.00 3.60  ? 12  DC  B C6    1 
ATOM   238 P P     . DG  B 1 3  ? -6.485  6.827   5.408   1.00 11.55 ? 13  DG  B P     1 
ATOM   239 O OP1   . DG  B 1 3  ? -6.528  8.269   5.741   1.00 11.01 ? 13  DG  B OP1   1 
ATOM   240 O OP2   . DG  B 1 3  ? -6.064  6.364   4.095   1.00 10.57 ? 13  DG  B OP2   1 
ATOM   241 O "O5'" . DG  B 1 3  ? -5.667  6.088   6.543   1.00 10.33 ? 13  DG  B "O5'" 1 
ATOM   242 C "C5'" . DG  B 1 3  ? -4.414  5.532   6.291   1.00 8.01  ? 13  DG  B "C5'" 1 
ATOM   243 C "C4'" . DG  B 1 3  ? -3.937  4.876   7.549   1.00 7.52  ? 13  DG  B "C4'" 1 
ATOM   244 O "O4'" . DG  B 1 3  ? -4.698  3.650   7.744   1.00 7.55  ? 13  DG  B "O4'" 1 
ATOM   245 C "C3'" . DG  B 1 3  ? -2.490  4.466   7.408   1.00 6.72  ? 13  DG  B "C3'" 1 
ATOM   246 O "O3'" . DG  B 1 3  ? -1.639  5.379   8.061   1.00 6.61  ? 13  DG  B "O3'" 1 
ATOM   247 C "C2'" . DG  B 1 3  ? -2.420  3.115   8.067   1.00 8.11  ? 13  DG  B "C2'" 1 
ATOM   248 C "C1'" . DG  B 1 3  ? -3.823  2.584   8.063   1.00 6.23  ? 13  DG  B "C1'" 1 
ATOM   249 N N9    . DG  B 1 3  ? -3.868  1.584   7.000   1.00 5.12  ? 13  DG  B N9    1 
ATOM   250 C C8    . DG  B 1 3  ? -4.466  1.611   5.788   1.00 4.70  ? 13  DG  B C8    1 
ATOM   251 N N7    . DG  B 1 3  ? -4.271  0.519   5.087   1.00 3.70  ? 13  DG  B N7    1 
ATOM   252 C C5    . DG  B 1 3  ? -3.486  -0.274  5.901   1.00 3.17  ? 13  DG  B C5    1 
ATOM   253 C C6    . DG  B 1 3  ? -3.010  -1.581  5.728   1.00 2.78  ? 13  DG  B C6    1 
ATOM   254 O O6    . DG  B 1 3  ? -3.201  -2.328  4.782   1.00 2.28  ? 13  DG  B O6    1 
ATOM   255 N N1    . DG  B 1 3  ? -2.240  -2.006  6.825   1.00 1.97  ? 13  DG  B N1    1 
ATOM   256 C C2    . DG  B 1 3  ? -1.980  -1.251  7.951   1.00 1.35  ? 13  DG  B C2    1 
ATOM   257 N N2    . DG  B 1 3  ? -1.207  -1.805  8.878   1.00 1.77  ? 13  DG  B N2    1 
ATOM   258 N N3    . DG  B 1 3  ? -2.460  -0.039  8.138   1.00 1.95  ? 13  DG  B N3    1 
ATOM   259 C C4    . DG  B 1 3  ? -3.207  0.377   7.086   1.00 3.13  ? 13  DG  B C4    1 
ATOM   260 P P     . DG  B 1 4  ? -0.100  5.436   7.625   1.00 6.51  ? 14  DG  B P     1 
ATOM   261 O OP1   . DG  B 1 4  ? 0.385   6.785   8.070   1.00 9.15  ? 14  DG  B OP1   1 
ATOM   262 O OP2   . DG  B 1 4  ? 0.059   5.047   6.202   1.00 5.99  ? 14  DG  B OP2   1 
ATOM   263 O "O5'" . DG  B 1 4  ? 0.553   4.261   8.446   1.00 6.24  ? 14  DG  B "O5'" 1 
ATOM   264 C "C5'" . DG  B 1 4  ? 0.832   4.362   9.820   1.00 4.46  ? 14  DG  B "C5'" 1 
ATOM   265 C "C4'" . DG  B 1 4  ? 1.801   3.274   10.209  1.00 4.21  ? 14  DG  B "C4'" 1 
ATOM   266 O "O4'" . DG  B 1 4  ? 1.135   1.975   10.105  1.00 3.62  ? 14  DG  B "O4'" 1 
ATOM   267 C "C3'" . DG  B 1 4  ? 2.964   3.162   9.252   1.00 4.41  ? 14  DG  B "C3'" 1 
ATOM   268 O "O3'" . DG  B 1 4  ? 4.045   4.024   9.606   1.00 4.22  ? 14  DG  B "O3'" 1 
ATOM   269 C "C2'" . DG  B 1 4  ? 3.334   1.695   9.311   1.00 4.28  ? 14  DG  B "C2'" 1 
ATOM   270 C "C1'" . DG  B 1 4  ? 2.008   1.002   9.559   1.00 3.43  ? 14  DG  B "C1'" 1 
ATOM   271 N N9    . DG  B 1 4  ? 1.432   0.602   8.266   1.00 3.58  ? 14  DG  B N9    1 
ATOM   272 C C8    . DG  B 1 4  ? 0.567   1.318   7.476   1.00 3.59  ? 14  DG  B C8    1 
ATOM   273 N N7    . DG  B 1 4  ? 0.228   0.690   6.390   1.00 2.92  ? 14  DG  B N7    1 
ATOM   274 C C5    . DG  B 1 4  ? 0.938   -0.514  6.452   1.00 1.76  ? 14  DG  B C5    1 
ATOM   275 C C6    . DG  B 1 4  ? 0.951   -1.640  5.568   1.00 1.47  ? 14  DG  B C6    1 
ATOM   276 O O6    . DG  B 1 4  ? 0.266   -1.820  4.534   1.00 1.02  ? 14  DG  B O6    1 
ATOM   277 N N1    . DG  B 1 4  ? 1.802   -2.621  6.000   1.00 1.57  ? 14  DG  B N1    1 
ATOM   278 C C2    . DG  B 1 4  ? 2.527   -2.589  7.136   1.00 1.45  ? 14  DG  B C2    1 
ATOM   279 N N2    . DG  B 1 4  ? 3.341   -3.642  7.331   1.00 2.33  ? 14  DG  B N2    1 
ATOM   280 N N3    . DG  B 1 4  ? 2.495   -1.584  8.014   1.00 1.74  ? 14  DG  B N3    1 
ATOM   281 C C4    . DG  B 1 4  ? 1.692   -0.577  7.596   1.00 1.84  ? 14  DG  B C4    1 
ATOM   282 P P     . DG  B 1 5  ? 5.042   4.547   8.456   1.00 6.21  ? 15  DG  B P     1 
ATOM   283 O OP1   . DG  B 1 5  ? 6.047   5.452   9.148   1.00 5.43  ? 15  DG  B OP1   1 
ATOM   284 O OP2   . DG  B 1 5  ? 4.233   5.092   7.348   1.00 4.98  ? 15  DG  B OP2   1 
ATOM   285 O "O5'" . DG  B 1 5  ? 5.739   3.209   7.974   1.00 5.89  ? 15  DG  B "O5'" 1 
ATOM   286 C "C5'" . DG  B 1 5  ? 6.072   2.951   6.611   1.00 5.15  ? 15  DG  B "C5'" 1 
ATOM   287 C "C4'" . DG  B 1 5  ? 6.585   1.545   6.538   1.00 4.28  ? 15  DG  B "C4'" 1 
ATOM   288 O "O4'" . DG  B 1 5  ? 5.473   0.637   6.697   1.00 4.32  ? 15  DG  B "O4'" 1 
ATOM   289 C "C3'" . DG  B 1 5  ? 7.174   1.226   5.185   1.00 4.30  ? 15  DG  B "C3'" 1 
ATOM   290 O "O3'" . DG  B 1 5  ? 8.568   1.442   5.193   1.00 4.92  ? 15  DG  B "O3'" 1 
ATOM   291 C "C2'" . DG  B 1 5  ? 6.886   -0.248  5.035   1.00 3.20  ? 15  DG  B "C2'" 1 
ATOM   292 C "C1'" . DG  B 1 5  ? 5.579   -0.441  5.780   1.00 2.66  ? 15  DG  B "C1'" 1 
ATOM   293 N N9    . DG  B 1 5  ? 4.480   -0.344  4.813   1.00 2.19  ? 15  DG  B N9    1 
ATOM   294 C C8    . DG  B 1 5  ? 3.614   0.714   4.582   1.00 2.04  ? 15  DG  B C8    1 
ATOM   295 N N7    . DG  B 1 5  ? 2.751   0.472   3.643   1.00 1.30  ? 15  DG  B N7    1 
ATOM   296 C C5    . DG  B 1 5  ? 3.067   -0.840  3.224   1.00 1.07  ? 15  DG  B C5    1 
ATOM   297 C C6    . DG  B 1 5  ? 2.452   -1.671  2.272   1.00 1.00  ? 15  DG  B C6    1 
ATOM   298 O O6    . DG  B 1 5  ? 1.442   -1.445  1.607   1.00 1.00  ? 15  DG  B O6    1 
ATOM   299 N N1    . DG  B 1 5  ? 3.113   -2.895  2.145   1.00 1.16  ? 15  DG  B N1    1 
ATOM   300 C C2    . DG  B 1 5  ? 4.180   -3.321  2.868   1.00 1.28  ? 15  DG  B C2    1 
ATOM   301 N N2    . DG  B 1 5  ? 4.622   -4.570  2.582   1.00 2.45  ? 15  DG  B N2    1 
ATOM   302 N N3    . DG  B 1 5  ? 4.743   -2.575  3.806   1.00 1.00  ? 15  DG  B N3    1 
ATOM   303 C C4    . DG  B 1 5  ? 4.134   -1.345  3.919   1.00 1.00  ? 15  DG  B C4    1 
ATOM   304 P P     . DC  B 1 6  ? 9.244   2.200   3.932   1.00 6.34  ? 16  DC  B P     1 
ATOM   305 O OP1   . DC  B 1 6  ? 10.414  2.797   4.625   1.00 6.05  ? 16  DC  B OP1   1 
ATOM   306 O OP2   . DC  B 1 6  ? 8.294   3.049   3.310   1.00 6.70  ? 16  DC  B OP2   1 
ATOM   307 O "O5'" . DC  B 1 6  ? 9.683   1.021   2.954   1.00 6.15  ? 16  DC  B "O5'" 1 
ATOM   308 C "C5'" . DC  B 1 6  ? 10.663  0.099   3.384   1.00 6.94  ? 16  DC  B "C5'" 1 
ATOM   309 C "C4'" . DC  B 1 6  ? 10.655  -1.112  2.491   1.00 6.86  ? 16  DC  B "C4'" 1 
ATOM   310 O "O4'" . DC  B 1 6  ? 9.386   -1.793  2.726   1.00 5.78  ? 16  DC  B "O4'" 1 
ATOM   311 C "C3'" . DC  B 1 6  ? 10.644  -0.792  0.995   1.00 6.69  ? 16  DC  B "C3'" 1 
ATOM   312 O "O3'" . DC  B 1 6  ? 11.927  -0.547  0.420   1.00 7.78  ? 16  DC  B "O3'" 1 
ATOM   313 C "C2'" . DC  B 1 6  ? 9.921   -1.981  0.388   1.00 6.55  ? 16  DC  B "C2'" 1 
ATOM   314 C "C1'" . DC  B 1 6  ? 8.922   -2.375  1.464   1.00 6.33  ? 16  DC  B "C1'" 1 
ATOM   315 N N1    . DC  B 1 6  ? 7.594   -1.786  1.087   1.00 4.80  ? 16  DC  B N1    1 
ATOM   316 C C2    . DC  B 1 6  ? 6.745   -2.503  0.215   1.00 3.88  ? 16  DC  B C2    1 
ATOM   317 O O2    . DC  B 1 6  ? 7.130   -3.609  -0.232  1.00 4.69  ? 16  DC  B O2    1 
ATOM   318 N N3    . DC  B 1 6  ? 5.558   -1.973  -0.122  1.00 3.32  ? 16  DC  B N3    1 
ATOM   319 C C4    . DC  B 1 6  ? 5.207   -0.756  0.344   1.00 2.67  ? 16  DC  B C4    1 
ATOM   320 N N4    . DC  B 1 6  ? 4.025   -0.250  -0.012  1.00 3.52  ? 16  DC  B N4    1 
ATOM   321 C C5    . DC  B 1 6  ? 6.070   0.002   1.201   1.00 3.35  ? 16  DC  B C5    1 
ATOM   322 C C6    . DC  B 1 6  ? 7.224   -0.551  1.545   1.00 3.52  ? 16  DC  B C6    1 
ATOM   323 P P     . DC  B 1 7  ? 12.084  0.628   -0.661  1.00 9.38  ? 17  DC  B P     1 
ATOM   324 O OP1   . DC  B 1 7  ? 13.527  0.843   -0.941  1.00 10.23 ? 17  DC  B OP1   1 
ATOM   325 O OP2   . DC  B 1 7  ? 11.276  1.781   -0.320  1.00 9.68  ? 17  DC  B OP2   1 
ATOM   326 O "O5'" . DC  B 1 7  ? 11.400  -0.018  -1.955  1.00 7.95  ? 17  DC  B "O5'" 1 
ATOM   327 C "C5'" . DC  B 1 7  ? 11.865  -1.260  -2.426  1.00 8.34  ? 17  DC  B "C5'" 1 
ATOM   328 C "C4'" . DC  B 1 7  ? 10.963  -1.796  -3.506  1.00 6.98  ? 17  DC  B "C4'" 1 
ATOM   329 O "O4'" . DC  B 1 7  ? 9.730   -2.145  -2.874  1.00 5.72  ? 17  DC  B "O4'" 1 
ATOM   330 C "C3'" . DC  B 1 7  ? 10.564  -0.837  -4.608  1.00 5.86  ? 17  DC  B "C3'" 1 
ATOM   331 O "O3'" . DC  B 1 7  ? 11.492  -0.810  -5.681  1.00 8.23  ? 17  DC  B "O3'" 1 
ATOM   332 C "C2'" . DC  B 1 7  ? 9.261   -1.448  -5.091  1.00 5.84  ? 17  DC  B "C2'" 1 
ATOM   333 C "C1'" . DC  B 1 7  ? 8.677   -2.030  -3.819  1.00 4.43  ? 17  DC  B "C1'" 1 
ATOM   334 N N1    . DC  B 1 7  ? 7.664   -1.053  -3.315  1.00 3.10  ? 17  DC  B N1    1 
ATOM   335 C C2    . DC  B 1 7  ? 6.397   -1.143  -3.917  1.00 2.93  ? 17  DC  B C2    1 
ATOM   336 O O2    . DC  B 1 7  ? 6.209   -2.079  -4.704  1.00 2.79  ? 17  DC  B O2    1 
ATOM   337 N N3    . DC  B 1 7  ? 5.424   -0.244  -3.604  1.00 1.66  ? 17  DC  B N3    1 
ATOM   338 C C4    . DC  B 1 7  ? 5.686   0.731   -2.736  1.00 3.27  ? 17  DC  B C4    1 
ATOM   339 N N4    . DC  B 1 7  ? 4.699   1.610   -2.474  1.00 2.75  ? 17  DC  B N4    1 
ATOM   340 C C5    . DC  B 1 7  ? 6.968   0.852   -2.089  1.00 2.58  ? 17  DC  B C5    1 
ATOM   341 C C6    . DC  B 1 7  ? 7.919   -0.080  -2.373  1.00 3.15  ? 17  DC  B C6    1 
ATOM   342 P P     . DC  B 1 8  ? 11.610  0.512   -6.582  1.00 8.74  ? 18  DC  B P     1 
ATOM   343 O OP1   . DC  B 1 8  ? 12.889  0.382   -7.337  1.00 9.84  ? 18  DC  B OP1   1 
ATOM   344 O OP2   . DC  B 1 8  ? 11.377  1.658   -5.777  1.00 10.39 ? 18  DC  B OP2   1 
ATOM   345 O "O5'" . DC  B 1 8  ? 10.382  0.392   -7.565  1.00 6.05  ? 18  DC  B "O5'" 1 
ATOM   346 C "C5'" . DC  B 1 8  ? 10.322  -0.713  -8.415  1.00 4.48  ? 18  DC  B "C5'" 1 
ATOM   347 C "C4'" . DC  B 1 8  ? 8.997   -0.801  -9.134  1.00 3.82  ? 18  DC  B "C4'" 1 
ATOM   348 O "O4'" . DC  B 1 8  ? 7.970   -1.015  -8.123  1.00 2.48  ? 18  DC  B "O4'" 1 
ATOM   349 C "C3'" . DC  B 1 8  ? 8.495   0.423   -9.888  1.00 2.98  ? 18  DC  B "C3'" 1 
ATOM   350 O "O3'" . DC  B 1 8  ? 9.102   0.577   -11.178 1.00 3.46  ? 18  DC  B "O3'" 1 
ATOM   351 C "C2'" . DC  B 1 8  ? 7.012   0.097   -9.987  1.00 2.04  ? 18  DC  B "C2'" 1 
ATOM   352 C "C1'" . DC  B 1 8  ? 6.736   -0.550  -8.640  1.00 2.07  ? 18  DC  B "C1'" 1 
ATOM   353 N N1    . DC  B 1 8  ? 6.222   0.509   -7.756  1.00 1.26  ? 18  DC  B N1    1 
ATOM   354 C C2    . DC  B 1 8  ? 4.872   0.829   -7.889  1.00 1.07  ? 18  DC  B C2    1 
ATOM   355 O O2    . DC  B 1 8  ? 4.221   0.234   -8.742  1.00 2.08  ? 18  DC  B O2    1 
ATOM   356 N N3    . DC  B 1 8  ? 4.323   1.773   -7.084  1.00 1.69  ? 18  DC  B N3    1 
ATOM   357 C C4    . DC  B 1 8  ? 5.073   2.382   -6.156  1.00 1.00  ? 18  DC  B C4    1 
ATOM   358 N N4    . DC  B 1 8  ? 4.482   3.254   -5.382  1.00 1.86  ? 18  DC  B N4    1 
ATOM   359 C C5    . DC  B 1 8  ? 6.455   2.104   -6.008  1.00 2.23  ? 18  DC  B C5    1 
ATOM   360 C C6    . DC  B 1 8  ? 6.992   1.165   -6.850  1.00 1.00  ? 18  DC  B C6    1 
ATOM   361 P P     . DG  B 1 9  ? 9.080   2.033   -11.911 1.00 5.86  ? 19  DG  B P     1 
ATOM   362 O OP1   . DG  B 1 9  ? 10.042  1.866   -13.058 1.00 6.89  ? 19  DG  B OP1   1 
ATOM   363 O OP2   . DG  B 1 9  ? 9.310   3.045   -10.887 1.00 6.64  ? 19  DG  B OP2   1 
ATOM   364 O "O5'" . DG  B 1 9  ? 7.573   2.177   -12.414 1.00 3.06  ? 19  DG  B "O5'" 1 
ATOM   365 C "C5'" . DG  B 1 9  ? 7.052   1.244   -13.352 1.00 2.43  ? 19  DG  B "C5'" 1 
ATOM   366 C "C4'" . DG  B 1 9  ? 5.621   1.563   -13.698 1.00 3.96  ? 19  DG  B "C4'" 1 
ATOM   367 O "O4'" . DG  B 1 9  ? 4.891   1.368   -12.473 1.00 3.45  ? 19  DG  B "O4'" 1 
ATOM   368 C "C3'" . DG  B 1 9  ? 5.336   3.006   -14.077 1.00 4.32  ? 19  DG  B "C3'" 1 
ATOM   369 O "O3'" . DG  B 1 9  ? 5.486   3.182   -15.475 1.00 4.89  ? 19  DG  B "O3'" 1 
ATOM   370 C "C2'" . DG  B 1 9  ? 3.888   3.174   -13.646 1.00 4.02  ? 19  DG  B "C2'" 1 
ATOM   371 C "C1'" . DG  B 1 9  ? 3.795   2.275   -12.409 1.00 2.51  ? 19  DG  B "C1'" 1 
ATOM   372 N N9    . DG  B 1 9  ? 3.957   3.152   -11.244 1.00 1.85  ? 19  DG  B N9    1 
ATOM   373 C C8    . DG  B 1 9  ? 5.025   3.306   -10.427 1.00 2.61  ? 19  DG  B C8    1 
ATOM   374 N N7    . DG  B 1 9  ? 4.855   4.216   -9.499  1.00 2.64  ? 19  DG  B N7    1 
ATOM   375 C C5    . DG  B 1 9  ? 3.537   4.644   -9.694  1.00 2.73  ? 19  DG  B C5    1 
ATOM   376 C C6    . DG  B 1 9  ? 2.718   5.571   -8.966  1.00 1.89  ? 19  DG  B C6    1 
ATOM   377 O O6    . DG  B 1 9  ? 2.989   6.156   -7.917  1.00 4.77  ? 19  DG  B O6    1 
ATOM   378 N N1    . DG  B 1 9  ? 1.461   5.738   -9.560  1.00 2.19  ? 19  DG  B N1    1 
ATOM   379 C C2    . DG  B 1 9  ? 1.041   5.082   -10.696 1.00 1.88  ? 19  DG  B C2    1 
ATOM   380 N N2    . DG  B 1 9  ? -0.199  5.344   -11.182 1.00 2.53  ? 19  DG  B N2    1 
ATOM   381 N N3    . DG  B 1 9  ? 1.780   4.207   -11.351 1.00 1.28  ? 19  DG  B N3    1 
ATOM   382 C C4    . DG  B 1 9  ? 2.996   4.040   -10.791 1.00 1.72  ? 19  DG  B C4    1 
ATOM   383 P P     . DG  B 1 10 ? 5.852   4.637   -16.036 1.00 5.33  ? 20  DG  B P     1 
ATOM   384 O OP1   . DG  B 1 10 ? 6.075   4.520   -17.483 1.00 7.63  ? 20  DG  B OP1   1 
ATOM   385 O OP2   . DG  B 1 10 ? 6.846   5.247   -15.237 1.00 7.16  ? 20  DG  B OP2   1 
ATOM   386 O "O5'" . DG  B 1 10 ? 4.511   5.455   -15.686 1.00 3.66  ? 20  DG  B "O5'" 1 
ATOM   387 C "C5'" . DG  B 1 10 ? 3.311   5.100   -16.340 1.00 4.33  ? 20  DG  B "C5'" 1 
ATOM   388 C "C4'" . DG  B 1 10 ? 2.257   6.147   -16.130 1.00 3.80  ? 20  DG  B "C4'" 1 
ATOM   389 O "O4'" . DG  B 1 10 ? 1.834   6.047   -14.772 1.00 4.39  ? 20  DG  B "O4'" 1 
ATOM   390 C "C3'" . DG  B 1 10 ? 2.681   7.609   -16.277 1.00 4.30  ? 20  DG  B "C3'" 1 
ATOM   391 O "O3'" . DG  B 1 10 ? 2.798   8.113   -17.575 1.00 3.78  ? 20  DG  B "O3'" 1 
ATOM   392 C "C2'" . DG  B 1 10 ? 1.714   8.358   -15.386 1.00 4.68  ? 20  DG  B "C2'" 1 
ATOM   393 C "C1'" . DG  B 1 10 ? 1.399   7.338   -14.315 1.00 3.77  ? 20  DG  B "C1'" 1 
ATOM   394 N N9    . DG  B 1 10 ? 2.104   7.630   -13.087 1.00 3.63  ? 20  DG  B N9    1 
ATOM   395 C C8    . DG  B 1 10 ? 3.363   7.212   -12.720 1.00 2.34  ? 20  DG  B C8    1 
ATOM   396 N N7    . DG  B 1 10 ? 3.718   7.639   -11.555 1.00 3.16  ? 20  DG  B N7    1 
ATOM   397 C C5    . DG  B 1 10 ? 2.653   8.394   -11.114 1.00 3.52  ? 20  DG  B C5    1 
ATOM   398 C C6    . DG  B 1 10 ? 2.491   9.081   -9.925  1.00 4.40  ? 20  DG  B C6    1 
ATOM   399 O O6    . DG  B 1 10 ? 3.284   9.201   -9.005  1.00 5.42  ? 20  DG  B O6    1 
ATOM   400 N N1    . DG  B 1 10 ? 1.237   9.694   -9.853  1.00 4.23  ? 20  DG  B N1    1 
ATOM   401 C C2    . DG  B 1 10 ? 0.269   9.637   -10.843 1.00 2.98  ? 20  DG  B C2    1 
ATOM   402 N N2    . DG  B 1 10 ? -0.895  10.245  -10.528 1.00 4.09  ? 20  DG  B N2    1 
ATOM   403 N N3    . DG  B 1 10 ? 0.434   9.017   -11.992 1.00 2.66  ? 20  DG  B N3    1 
ATOM   404 C C4    . DG  B 1 10 ? 1.639   8.398   -12.049 1.00 2.87  ? 20  DG  B C4    1 
HETATM 405 O O     . HOH C 2 .  ? 5.954   -6.280  5.990   1.00 8.29  ? 32  HOH A O     1 
HETATM 406 O O     . HOH C 2 .  ? 0.210   -0.186  -1.383  1.00 14.71 ? 35  HOH A O     1 
HETATM 407 O O     . HOH C 2 .  ? 6.004   -7.711  0.675   1.00 9.65  ? 36  HOH A O     1 
HETATM 408 O O     . HOH C 2 .  ? -3.505  -14.444 1.848   1.00 21.77 ? 38  HOH A O     1 
HETATM 409 O O     . HOH C 2 .  ? -2.702  -5.895  -3.264  1.00 11.80 ? 41  HOH A O     1 
HETATM 410 O O     . HOH C 2 .  ? -7.735  -10.285 4.500   1.00 35.90 ? 44  HOH A O     1 
HETATM 411 O O     . HOH C 2 .  ? -0.728  17.160  -1.373  1.00 26.74 ? 46  HOH A O     1 
HETATM 412 O O     . HOH C 2 .  ? 1.151   3.493   -2.788  1.00 17.71 ? 47  HOH A O     1 
HETATM 413 O O     . HOH C 2 .  ? -7.849  0.941   17.360  1.00 14.64 ? 49  HOH A O     1 
HETATM 414 O O     . HOH C 2 .  ? -10.178 4.500   -8.883  1.00 15.11 ? 51  HOH A O     1 
HETATM 415 O O     . HOH C 2 .  ? -0.940  5.835   -3.939  1.00 17.42 ? 52  HOH A O     1 
HETATM 416 O O     . HOH C 2 .  ? 0.676   -10.034 -9.138  1.00 19.01 ? 53  HOH A O     1 
HETATM 417 O O     . HOH C 2 .  ? -8.163  -5.979  7.119   1.00 21.18 ? 60  HOH A O     1 
HETATM 418 O O     . HOH C 2 .  ? -2.747  -5.713  17.476  1.00 18.50 ? 61  HOH A O     1 
HETATM 419 O O     . HOH C 2 .  ? -4.805  -7.269  6.613   1.00 21.02 ? 62  HOH A O     1 
HETATM 420 O O     . HOH C 2 .  ? -8.800  0.683   -8.972  1.00 24.76 ? 66  HOH A O     1 
HETATM 421 O O     . HOH C 2 .  ? -8.251  0.384   -4.729  1.00 22.07 ? 67  HOH A O     1 
HETATM 422 O O     . HOH C 2 .  ? -2.549  -4.552  1.430   1.00 7.78  ? 70  HOH A O     1 
HETATM 423 O O     . HOH C 2 .  ? -2.627  -3.223  -1.309  1.00 13.01 ? 73  HOH A O     1 
HETATM 424 O O     . HOH C 2 .  ? -4.804  3.110   -5.210  1.00 16.03 ? 75  HOH A O     1 
HETATM 425 O O     . HOH C 2 .  ? -1.225  -1.832  -2.985  1.00 12.30 ? 78  HOH A O     1 
HETATM 426 O O     . HOH C 2 .  ? -6.540  -6.153  4.913   1.00 20.05 ? 82  HOH A O     1 
HETATM 427 O O     . HOH C 2 .  ? -7.878  -0.710  -11.027 1.00 20.22 ? 83  HOH A O     1 
HETATM 428 O O     . HOH C 2 .  ? -1.185  -9.947  4.050   1.00 19.98 ? 84  HOH A O     1 
HETATM 429 O O     . HOH C 2 .  ? 0.383   -11.666 -11.245 1.00 21.29 ? 85  HOH A O     1 
HETATM 430 O O     . HOH C 2 .  ? -0.771  10.549  -3.102  1.00 13.76 ? 86  HOH A O     1 
HETATM 431 O O     . HOH C 2 .  ? -1.934  2.290   -3.564  1.00 11.13 ? 87  HOH A O     1 
HETATM 432 O O     . HOH C 2 .  ? -7.397  -3.518  18.015  1.00 14.39 ? 89  HOH A O     1 
HETATM 433 O O     . HOH C 2 .  ? -3.808  -0.527  -4.416  1.00 16.54 ? 90  HOH A O     1 
HETATM 434 O O     . HOH C 2 .  ? 6.577   -8.812  5.782   1.00 19.07 ? 92  HOH A O     1 
HETATM 435 O O     . HOH C 2 .  ? -2.163  -9.178  16.074  1.00 14.91 ? 94  HOH A O     1 
HETATM 436 O O     . HOH C 2 .  ? -6.764  -7.302  -0.009  1.00 31.22 ? 95  HOH A O     1 
HETATM 437 O O     . HOH C 2 .  ? 1.954   5.562   -3.841  1.00 13.60 ? 98  HOH A O     1 
HETATM 438 O O     . HOH C 2 .  ? -8.436  -8.584  8.261   1.00 22.07 ? 102 HOH A O     1 
HETATM 439 O O     . HOH C 2 .  ? -6.368  -4.419  -4.677  1.00 25.19 ? 105 HOH A O     1 
HETATM 440 O O     . HOH C 2 .  ? 2.105   -4.045  -7.892  1.00 12.37 ? 106 HOH A O     1 
HETATM 441 O O     . HOH C 2 .  ? -7.950  2.679   -4.527  1.00 24.85 ? 108 HOH A O     1 
HETATM 442 O O     . HOH C 2 .  ? -1.631  -8.290  0.944   1.00 13.26 ? 110 HOH A O     1 
HETATM 443 O O     . HOH C 2 .  ? -6.736  4.979   -2.485  1.00 22.98 ? 111 HOH A O     1 
HETATM 444 O O     . HOH C 2 .  ? -8.959  2.749   -10.691 1.00 10.08 ? 112 HOH A O     1 
HETATM 445 O O     . HOH C 2 .  ? -3.847  -9.570  -1.509  1.00 18.47 ? 119 HOH A O     1 
HETATM 446 O O     . HOH C 2 .  ? -1.952  -3.971  15.461  1.00 34.36 ? 120 HOH A O     1 
HETATM 447 O O     . HOH C 2 .  ? -3.535  6.549   -6.166  1.00 43.39 ? 122 HOH A O     1 
HETATM 448 O O     . HOH C 2 .  ? -7.977  -2.898  -10.404 1.00 32.51 ? 126 HOH A O     1 
HETATM 449 O O     . HOH C 2 .  ? 2.106   -6.856  6.739   1.00 33.83 ? 127 HOH A O     1 
HETATM 450 O O     . HOH C 2 .  ? -8.264  -8.861  10.644  1.00 27.97 ? 128 HOH A O     1 
HETATM 451 O O     . HOH C 2 .  ? -10.606 6.813   -6.372  1.00 15.74 ? 129 HOH A O     1 
HETATM 452 O O     . HOH C 2 .  ? -1.666  -2.356  17.618  1.00 19.23 ? 131 HOH A O     1 
HETATM 453 O O     . HOH C 2 .  ? 1.095   -10.339 12.752  1.00 30.10 ? 132 HOH A O     1 
HETATM 454 O O     . HOH C 2 .  ? 1.628   -15.338 7.118   1.00 20.16 ? 134 HOH A O     1 
HETATM 455 O O     . HOH C 2 .  ? -3.338  15.145  -7.450  1.00 17.21 ? 139 HOH A O     1 
HETATM 456 O O     . HOH C 2 .  ? -10.805 -8.180  8.997   1.00 24.72 ? 141 HOH A O     1 
HETATM 457 O O     . HOH C 2 .  ? -2.597  -7.960  -0.971  1.00 24.00 ? 142 HOH A O     1 
HETATM 458 O O     . HOH C 2 .  ? -3.924  6.892   -3.821  1.00 18.35 ? 145 HOH A O     1 
HETATM 459 O O     . HOH C 2 .  ? -3.619  10.397  0.155   1.00 22.66 ? 146 HOH A O     1 
HETATM 460 O O     . HOH C 2 .  ? 1.727   -13.869 4.918   1.00 21.86 ? 148 HOH A O     1 
HETATM 461 O O     . HOH C 2 .  ? -2.226  -1.078  -0.062  1.00 18.88 ? 149 HOH A O     1 
HETATM 462 O O     . HOH C 2 .  ? -2.981  -11.001 -0.138  1.00 17.89 ? 153 HOH A O     1 
HETATM 463 O O     . HOH C 2 .  ? -3.783  -10.013 14.601  1.00 18.34 ? 156 HOH A O     1 
HETATM 464 O O     . HOH C 2 .  ? -6.861  -0.235  18.809  1.00 17.70 ? 159 HOH A O     1 
HETATM 465 O O     . HOH C 2 .  ? -9.728  -10.404 7.785   1.00 16.70 ? 160 HOH A O     1 
HETATM 466 O O     . HOH C 2 .  ? -1.760  5.812   -0.781  1.00 18.07 ? 161 HOH A O     1 
HETATM 467 O O     . HOH D 2 .  ? -0.199  0.425   0.929   1.00 2.74  ? 30  HOH B O     1 
HETATM 468 O O     . HOH D 2 .  ? 7.618   -5.658  1.351   1.00 7.15  ? 31  HOH B O     1 
HETATM 469 O O     . HOH D 2 .  ? 9.697   -3.992  5.213   1.00 12.05 ? 33  HOH B O     1 
HETATM 470 O O     . HOH D 2 .  ? 5.005   6.946   -18.553 1.00 5.18  ? 34  HOH B O     1 
HETATM 471 O O     . HOH D 2 .  ? -1.403  -0.911  2.580   1.00 12.74 ? 37  HOH B O     1 
HETATM 472 O O     . HOH D 2 .  ? 6.831   -3.577  5.455   1.00 6.64  ? 39  HOH B O     1 
HETATM 473 O O     . HOH D 2 .  ? 5.871   1.995   -18.320 1.00 13.83 ? 40  HOH B O     1 
HETATM 474 O O     . HOH D 2 .  ? 10.032  -5.348  2.814   1.00 8.62  ? 42  HOH B O     1 
HETATM 475 O O     . HOH D 2 .  ? 4.918   7.673   5.487   1.00 29.02 ? 45  HOH B O     1 
HETATM 476 O O     . HOH D 2 .  ? 7.690   0.960   -17.627 1.00 15.20 ? 48  HOH B O     1 
HETATM 477 O O     . HOH D 2 .  ? 3.848   4.005   3.010   1.00 13.12 ? 50  HOH B O     1 
HETATM 478 O O     . HOH D 2 .  ? 10.610  -8.734  2.580   1.00 19.99 ? 55  HOH B O     1 
HETATM 479 O O     . HOH D 2 .  ? -6.921  2.949   1.300   1.00 14.17 ? 56  HOH B O     1 
HETATM 480 O O     . HOH D 2 .  ? -7.918  1.923   10.410  1.00 10.42 ? 57  HOH B O     1 
HETATM 481 O O     . HOH D 2 .  ? 8.646   3.085   0.364   1.00 14.75 ? 58  HOH B O     1 
HETATM 482 O O     . HOH D 2 .  ? 2.687   3.978   5.582   1.00 5.87  ? 59  HOH B O     1 
HETATM 483 O O     . HOH D 2 .  ? 8.570   -9.039  3.414   1.00 22.13 ? 63  HOH B O     1 
HETATM 484 O O     . HOH D 2 .  ? 9.297   3.588   -15.433 1.00 12.90 ? 64  HOH B O     1 
HETATM 485 O O     . HOH D 2 .  ? 4.851   5.573   11.239  1.00 27.75 ? 68  HOH B O     1 
HETATM 486 O O     . HOH D 2 .  ? -7.549  -2.131  1.675   1.00 18.84 ? 69  HOH B O     1 
HETATM 487 O O     . HOH D 2 .  ? 0.183   3.920   -13.586 1.00 7.70  ? 71  HOH B O     1 
HETATM 488 O O     . HOH D 2 .  ? 5.392   7.985   -7.527  1.00 28.91 ? 72  HOH B O     1 
HETATM 489 O O     . HOH D 2 .  ? 12.549  -4.467  2.254   1.00 21.51 ? 74  HOH B O     1 
HETATM 490 O O     . HOH D 2 .  ? -4.854  -3.405  2.771   1.00 15.75 ? 76  HOH B O     1 
HETATM 491 O O     . HOH D 2 .  ? 0.738   2.152   2.515   1.00 7.41  ? 77  HOH B O     1 
HETATM 492 O O     . HOH D 2 .  ? 5.023   4.037   -1.004  1.00 13.79 ? 79  HOH B O     1 
HETATM 493 O O     . HOH D 2 .  ? -1.133  7.714   10.269  1.00 13.53 ? 80  HOH B O     1 
HETATM 494 O O     . HOH D 2 .  ? 6.772   -9.966  1.851   1.00 25.19 ? 81  HOH B O     1 
HETATM 495 O O     . HOH D 2 .  ? -5.114  0.088   2.319   1.00 23.72 ? 88  HOH B O     1 
HETATM 496 O O     . HOH D 2 .  ? 10.342  -5.949  6.708   1.00 13.01 ? 91  HOH B O     1 
HETATM 497 O O     . HOH D 2 .  ? 9.987   -10.064 7.350   1.00 13.41 ? 93  HOH B O     1 
HETATM 498 O O     . HOH D 2 .  ? 3.409   2.417   0.773   1.00 10.72 ? 96  HOH B O     1 
HETATM 499 O O     . HOH D 2 .  ? 11.060  4.662   -16.493 1.00 20.54 ? 97  HOH B O     1 
HETATM 500 O O     . HOH D 2 .  ? 12.852  -6.688  6.125   1.00 17.72 ? 99  HOH B O     1 
HETATM 501 O O     . HOH D 2 .  ? -1.511  10.064  11.991  1.00 24.46 ? 100 HOH B O     1 
HETATM 502 O O     . HOH D 2 .  ? -3.719  2.765   0.777   1.00 29.23 ? 101 HOH B O     1 
HETATM 503 O O     . HOH D 2 .  ? -5.573  3.901   3.594   1.00 18.55 ? 103 HOH B O     1 
HETATM 504 O O     . HOH D 2 .  ? 8.346   6.705   -13.100 1.00 18.70 ? 104 HOH B O     1 
HETATM 505 O O     . HOH D 2 .  ? 3.395   8.241   3.578   1.00 23.73 ? 107 HOH B O     1 
HETATM 506 O O     . HOH D 2 .  ? 12.342  3.274   -10.153 1.00 13.20 ? 109 HOH B O     1 
HETATM 507 O O     . HOH D 2 .  ? -2.746  3.497   3.127   1.00 13.06 ? 113 HOH B O     1 
HETATM 508 O O     . HOH D 2 .  ? 9.295   -7.997  6.194   1.00 25.36 ? 114 HOH B O     1 
HETATM 509 O O     . HOH D 2 .  ? -9.311  -5.703  3.576   1.00 14.72 ? 115 HOH B O     1 
HETATM 510 O O     . HOH D 2 .  ? 6.798   5.116   3.383   1.00 12.31 ? 116 HOH B O     1 
HETATM 511 O O     . HOH D 2 .  ? 4.028   1.578   -17.118 1.00 30.37 ? 117 HOH B O     1 
HETATM 512 O O     . HOH D 2 .  ? 6.323   5.978   -8.271  1.00 21.45 ? 118 HOH B O     1 
HETATM 513 O O     . HOH D 2 .  ? 6.102   -0.470  -18.504 1.00 23.50 ? 121 HOH B O     1 
HETATM 514 O O     . HOH D 2 .  ? 8.670   2.089   7.857   1.00 32.91 ? 123 HOH B O     1 
HETATM 515 O O     . HOH D 2 .  ? -19.098 -0.672  -2.668  1.00 18.95 ? 124 HOH B O     1 
HETATM 516 O O     . HOH D 2 .  ? 9.114   4.161   -8.225  1.00 19.05 ? 125 HOH B O     1 
HETATM 517 O O     . HOH D 2 .  ? -1.704  2.152   10.125  1.00 21.69 ? 130 HOH B O     1 
HETATM 518 O O     . HOH D 2 .  ? 9.408   1.765   -16.522 1.00 25.84 ? 133 HOH B O     1 
HETATM 519 O O     . HOH D 2 .  ? -3.241  11.822  11.886  1.00 27.74 ? 135 HOH B O     1 
HETATM 520 O O     . HOH D 2 .  ? -6.434  3.661   9.996   1.00 11.64 ? 136 HOH B O     1 
HETATM 521 O O     . HOH D 2 .  ? 5.422   -0.948  -12.930 1.00 29.64 ? 137 HOH B O     1 
HETATM 522 O O     . HOH D 2 .  ? 3.086   7.547   1.169   1.00 17.87 ? 138 HOH B O     1 
HETATM 523 O O     . HOH D 2 .  ? 6.293   4.920   -3.698  1.00 16.86 ? 140 HOH B O     1 
HETATM 524 O O     . HOH D 2 .  ? -8.625  3.450   8.960   1.00 21.18 ? 143 HOH B O     1 
HETATM 525 O O     . HOH D 2 .  ? 3.294   7.625   7.766   1.00 17.17 ? 144 HOH B O     1 
HETATM 526 O O     . HOH D 2 .  ? 5.633   3.213   2.749   1.00 18.76 ? 147 HOH B O     1 
HETATM 527 O O     . HOH D 2 .  ? -3.422  -1.915  2.074   1.00 20.38 ? 150 HOH B O     1 
HETATM 528 O O     . HOH D 2 .  ? 5.505   9.354   -4.779  1.00 21.69 ? 151 HOH B O     1 
HETATM 529 O O     . HOH D 2 .  ? 3.729   5.636   4.566   1.00 21.23 ? 152 HOH B O     1 
HETATM 530 O O     . HOH D 2 .  ? -5.193  9.420   7.647   1.00 18.50 ? 154 HOH B O     1 
HETATM 531 O O     . HOH D 2 .  ? 1.360   7.741   11.640  1.00 21.34 ? 155 HOH B O     1 
HETATM 532 O O     . HOH D 2 .  ? 3.170   2.373   6.707   1.00 18.79 ? 157 HOH B O     1 
HETATM 533 O O     . HOH D 2 .  ? 14.347  -7.250  8.910   1.00 20.46 ? 158 HOH B O     1 
HETATM 534 O O     . HOH D 2 .  ? 13.184  0.293   -4.706  1.00 16.87 ? 162 HOH B O     1 
# 
